data_7C2E
#
_entry.id   7C2E
#
_cell.length_a   1.00
_cell.length_b   1.00
_cell.length_c   1.00
_cell.angle_alpha   90.00
_cell.angle_beta   90.00
_cell.angle_gamma   90.00
#
_symmetry.space_group_name_H-M   'P 1'
#
loop_
_entity.id
_entity.type
_entity.pdbx_description
1 polymer 'Guanine nucleotide-binding protein G(s) subunit alpha isoforms short'
2 polymer 'Guanine nucleotide-binding protein G(I)/G(S)/G(T) subunit beta-1'
3 polymer 'Guanine nucleotide-binding protein G(I)/G(S)/G(O) subunit gamma-2'
4 polymer 'Nanobody 35|Lama glama'
5 polymer 'Glucagon-like peptide 1 receptor'
6 non-polymer '2-[[4-[6-[(4-cyano-2-fluoranyl-phenyl)methoxy]pyridin-2-yl]-3,6-dihydro-2~{H}-pyridin-1-yl]methyl]-3-[[(2~{S})-oxetan-2-yl]methyl]imidazo[4,5-b]pyridine-5-carboxylic acid'
#
loop_
_entity_poly.entity_id
_entity_poly.type
_entity_poly.pdbx_seq_one_letter_code
_entity_poly.pdbx_strand_id
1 'polypeptide(L)'
;MGCLGNSKTEDQRNEEKAQREANKKIEKQLQKDKQVYRATHRLLLLGAGESGKNTIVKQMRILHVNGFNGEGGEEDPQAA
RSNSDGEKATKVQDIKNNLKEAIETIVAAMSNLVPPVELANPENQFRVDYILSVMNVPDFDFPPEFYEHAKALWEDEGVR
ACYERSNEYQLIDCAQYFLDKIDVIKQADYVPSDQDLLRCRVLTSGIFETKFQVDKVNFHMFDVGAQRDERRKWIQCFND
VTAIIFVVASSSYNMVIREDNQTNRLQAALKLFDSIWNNKWLRDTSVILFLNKQDLLAEKVLAGKSKIEDYFPEFARYTT
PEDATPEPGEDPRVTRAKYFIRDEFLRISTASGDGRHYCYPHFTCAVDTENIRRVFNDCRDIIQRMHLRQYELL
;
A
2 'polypeptide(L)'
;MHHHHHHGSSGSELDQLRQEAEQLKNQIRDARKACADATLSQITNNIDPVGRIQMRTRRTLRGHLAKIYAMHWGTDSRLL
VSASQDGKLIIWDSYTTNKVHAIPLRSSWVMTCAYAPSGNYVACGGLDNICSIYNLKTREGNVRVSRELAGHTGYLSCCR
FLDDNQIVTSSGDTTCALWDIETGQQTTTFTGHTGDVMSLSLAPDTRLFVSGACDASAKLWDVREGMCRQTFTGHESDIN
AICFFPNGNAFATGSDDATCRLFDLRADQELMTYSHDNIICGITSVSFSKSGRLLLAGYDDFNCNVWDALKADRAGVLAG
HDNRVSCLGVTDDGMAVATGSWDSFLKIWN
;
B
3 'polypeptide(L)' MASNNTASIAQARKLVEQLKMEANIDRIKVSKAAADLMAYCEAHAKEDPLLTPVPASENPFREKKFFCAIL G
4 'polypeptide(L)'
;QVQLQESGGGLVQPGGSLRLSCAASGFTFSNYKMNWVRQAPGKGLEWVSDISQSGASISYTGSVKGRFTISRDNAKNTLY
LQMNSLKPEDTAVYYCARCPAPFTRDCFDVTSTTYAYRGQGTQVTVSSHHHHHHEPEA
;
N
5 'polypeptide(L)'
;MKTIIALSYIFCLVFADYKDDDDLEVLFQGPARPQGATVSLWETVQKWREYRRQCQRSLTEDPPPATDLFCNRTFDEYAC
WPDGEPGSFVNVSCPWYLPWASSVPQGHVYRFCTAEGLWLQKDNSSLPWRDLSECEESKRGERSSPEEQLLFLYIIYTVG
YALSFSALVIASAILLGFRHLHCTRNYIHLNLFASFILRALSVFIKDAALKWMYSTAAQQHQWDGLLSYQDSLSCRLVFL
LMQYCVAANYYWLLVEGVYLYTLLAFSVFSEQWIFRLYVSIGWGVPLLFVVPWGIVKYLYEDEGCWTRNSNMNYWLIIRL
PILFAIGVNFLIFVRVICIVVSKLKANLMCKTDIKCRLAKSTLTLIPLLGTHEVIFAFVMDEHARGTLRFIKLFTELSFT
SFQGLMVAILYCFVNNEVQLEFRKSWERWRLEHLHIQRDSSMKPLKCPTSSLSSGATAGSSMYTATCQASCSPAGLEVLF
QGPHHHHHHHH
;
R
#
# COMPACT_ATOMS: atom_id res chain seq x y z
N ASP A 11 -4.71 -36.10 -23.07
CA ASP A 11 -5.93 -35.36 -22.81
C ASP A 11 -5.67 -34.15 -21.94
N GLN A 12 -6.15 -32.98 -22.38
CA GLN A 12 -5.96 -31.76 -21.59
C GLN A 12 -6.92 -31.69 -20.42
N ARG A 13 -8.05 -32.40 -20.49
CA ARG A 13 -9.11 -32.26 -19.51
C ARG A 13 -8.71 -32.86 -18.16
N ASN A 14 -8.13 -34.06 -18.17
CA ASN A 14 -7.79 -34.74 -16.92
C ASN A 14 -6.63 -34.05 -16.21
N GLU A 15 -5.58 -33.69 -16.96
CA GLU A 15 -4.46 -32.97 -16.36
C GLU A 15 -4.85 -31.56 -15.95
N GLU A 16 -5.80 -30.93 -16.66
CA GLU A 16 -6.25 -29.61 -16.26
C GLU A 16 -7.11 -29.68 -15.01
N LYS A 17 -7.90 -30.74 -14.86
CA LYS A 17 -8.69 -30.92 -13.64
C LYS A 17 -7.80 -31.25 -12.44
N ALA A 18 -6.74 -32.04 -12.66
CA ALA A 18 -5.78 -32.29 -11.59
C ALA A 18 -5.03 -31.02 -11.21
N GLN A 19 -4.73 -30.17 -12.21
CA GLN A 19 -4.10 -28.88 -11.94
C GLN A 19 -5.03 -27.96 -11.17
N ARG A 20 -6.33 -27.99 -11.48
CA ARG A 20 -7.30 -27.19 -10.73
C ARG A 20 -7.42 -27.68 -9.29
N GLU A 21 -7.39 -29.00 -9.09
CA GLU A 21 -7.50 -29.55 -7.73
C GLU A 21 -6.27 -29.20 -6.89
N ALA A 22 -5.08 -29.34 -7.48
CA ALA A 22 -3.86 -28.95 -6.79
C ALA A 22 -3.81 -27.44 -6.54
N ASN A 23 -4.35 -26.65 -7.46
CA ASN A 23 -4.42 -25.21 -7.29
C ASN A 23 -5.36 -24.83 -6.15
N LYS A 24 -6.50 -25.51 -6.04
CA LYS A 24 -7.42 -25.24 -4.93
C LYS A 24 -6.83 -25.66 -3.60
N LYS A 25 -6.06 -26.76 -3.58
CA LYS A 25 -5.39 -27.18 -2.36
C LYS A 25 -4.33 -26.17 -1.91
N ILE A 26 -3.52 -25.69 -2.86
CA ILE A 26 -2.50 -24.70 -2.53
C ILE A 26 -3.13 -23.36 -2.16
N GLU A 27 -4.28 -23.03 -2.76
CA GLU A 27 -4.98 -21.80 -2.38
C GLU A 27 -5.61 -21.89 -1.00
N LYS A 28 -6.12 -23.06 -0.59
CA LYS A 28 -6.59 -23.18 0.79
C LYS A 28 -5.42 -23.14 1.78
N GLN A 29 -4.26 -23.69 1.37
CA GLN A 29 -3.05 -23.55 2.17
C GLN A 29 -2.64 -22.08 2.30
N LEU A 30 -2.78 -21.31 1.21
CA LEU A 30 -2.46 -19.88 1.25
C LEU A 30 -3.48 -19.10 2.07
N GLN A 31 -4.74 -19.57 2.12
CA GLN A 31 -5.72 -18.92 2.99
C GLN A 31 -5.40 -19.17 4.46
N LYS A 32 -4.99 -20.40 4.81
CA LYS A 32 -4.56 -20.67 6.18
C LYS A 32 -3.29 -19.89 6.52
N ASP A 33 -2.39 -19.75 5.55
CA ASP A 33 -1.18 -18.95 5.75
C ASP A 33 -1.51 -17.46 5.90
N LYS A 34 -2.52 -16.97 5.18
CA LYS A 34 -2.94 -15.59 5.31
C LYS A 34 -3.56 -15.34 6.68
N GLN A 35 -4.34 -16.30 7.18
CA GLN A 35 -4.90 -16.20 8.52
C GLN A 35 -3.79 -16.17 9.59
N VAL A 36 -2.84 -17.10 9.51
CA VAL A 36 -1.80 -17.17 10.53
C VAL A 36 -0.77 -16.04 10.34
N TYR A 37 -0.73 -15.39 9.17
CA TYR A 37 0.22 -14.31 8.94
C TYR A 37 -0.37 -12.97 9.34
N ARG A 38 -1.68 -12.78 9.15
CA ARG A 38 -2.33 -11.62 9.71
C ARG A 38 -2.56 -11.75 11.20
N ALA A 39 -2.46 -12.96 11.75
CA ALA A 39 -2.32 -13.12 13.20
C ALA A 39 -0.88 -12.94 13.67
N THR A 40 0.08 -12.88 12.74
CA THR A 40 1.50 -12.76 13.08
C THR A 40 1.93 -11.31 13.07
N HIS A 41 2.58 -10.89 14.17
CA HIS A 41 3.20 -9.58 14.26
C HIS A 41 4.69 -9.76 14.52
N ARG A 42 5.51 -8.94 13.86
CA ARG A 42 6.95 -9.11 13.85
C ARG A 42 7.62 -8.02 14.66
N LEU A 43 8.75 -8.36 15.30
CA LEU A 43 9.50 -7.44 16.15
C LEU A 43 10.98 -7.59 15.82
N LEU A 44 11.54 -6.62 15.12
CA LEU A 44 12.97 -6.61 14.85
C LEU A 44 13.72 -6.06 16.06
N LEU A 45 14.74 -6.79 16.50
CA LEU A 45 15.52 -6.44 17.69
C LEU A 45 16.98 -6.26 17.29
N LEU A 46 17.51 -5.06 17.53
CA LEU A 46 18.90 -4.76 17.24
C LEU A 46 19.39 -3.67 18.18
N GLY A 47 20.70 -3.59 18.31
CA GLY A 47 21.32 -2.59 19.18
C GLY A 47 22.14 -1.56 18.43
N SER A 205 22.62 -20.94 14.18
CA SER A 205 21.81 -20.34 13.13
C SER A 205 22.35 -18.97 12.73
N GLY A 206 21.57 -18.24 11.94
CA GLY A 206 21.96 -16.91 11.50
C GLY A 206 21.02 -15.83 12.00
N ILE A 207 19.89 -16.26 12.57
CA ILE A 207 18.91 -15.32 13.13
C ILE A 207 18.25 -16.00 14.32
N PHE A 208 17.90 -15.21 15.35
CA PHE A 208 17.34 -15.73 16.59
C PHE A 208 15.83 -15.47 16.58
N GLU A 209 15.08 -16.45 16.07
CA GLU A 209 13.62 -16.38 16.05
C GLU A 209 13.10 -16.68 17.45
N THR A 210 12.71 -15.64 18.18
CA THR A 210 12.17 -15.78 19.52
C THR A 210 10.65 -15.70 19.44
N LYS A 211 10.01 -16.88 19.47
CA LYS A 211 8.57 -16.96 19.37
C LYS A 211 7.92 -17.03 20.74
N PHE A 212 6.86 -16.26 20.91
CA PHE A 212 6.09 -16.17 22.15
C PHE A 212 4.77 -15.49 21.83
N GLN A 213 3.81 -15.64 22.73
CA GLN A 213 2.52 -14.98 22.62
C GLN A 213 2.25 -14.15 23.88
N VAL A 214 1.63 -12.99 23.67
CA VAL A 214 1.23 -12.09 24.75
C VAL A 214 -0.25 -11.77 24.56
N ASP A 215 -1.07 -12.14 25.56
CA ASP A 215 -2.53 -12.01 25.52
C ASP A 215 -3.13 -12.68 24.29
N LYS A 216 -2.63 -13.89 24.00
CA LYS A 216 -3.03 -14.72 22.84
C LYS A 216 -2.83 -14.00 21.51
N VAL A 217 -1.81 -13.17 21.42
CA VAL A 217 -1.45 -12.47 20.19
C VAL A 217 -0.01 -12.84 19.85
N ASN A 218 0.22 -13.27 18.62
CA ASN A 218 1.54 -13.75 18.22
C ASN A 218 2.52 -12.59 18.06
N PHE A 219 3.69 -12.71 18.70
CA PHE A 219 4.79 -11.74 18.58
C PHE A 219 6.07 -12.52 18.34
N HIS A 220 6.41 -12.73 17.08
CA HIS A 220 7.69 -13.34 16.71
C HIS A 220 8.77 -12.27 16.76
N MET A 221 9.59 -12.29 17.80
CA MET A 221 10.68 -11.35 17.95
C MET A 221 11.94 -11.90 17.28
N PHE A 222 12.59 -11.06 16.48
CA PHE A 222 13.73 -11.47 15.67
C PHE A 222 14.95 -10.65 16.08
N ASP A 223 15.97 -11.33 16.57
CA ASP A 223 17.25 -10.70 16.90
C ASP A 223 18.31 -11.14 15.90
N VAL A 224 19.30 -10.28 15.69
CA VAL A 224 20.40 -10.55 14.78
C VAL A 224 21.64 -10.86 15.60
N GLY A 225 22.42 -11.85 15.15
CA GLY A 225 23.61 -12.27 15.86
C GLY A 225 24.88 -12.10 15.05
N ALA A 226 25.45 -13.22 14.60
CA ALA A 226 26.67 -13.19 13.81
C ALA A 226 26.40 -12.72 12.39
N GLN A 227 26.47 -11.42 12.17
CA GLN A 227 26.25 -10.81 10.86
C GLN A 227 27.34 -9.80 10.59
N ARG A 228 27.78 -9.71 9.34
CA ARG A 228 28.65 -8.61 8.94
C ARG A 228 27.83 -7.34 8.86
N ASP A 229 28.19 -6.34 9.66
CA ASP A 229 27.27 -5.28 10.07
C ASP A 229 27.29 -4.08 9.14
N GLU A 230 27.57 -4.27 7.85
CA GLU A 230 27.22 -3.25 6.86
C GLU A 230 25.71 -3.33 6.65
N ARG A 231 24.97 -2.57 7.44
CA ARG A 231 23.54 -2.77 7.63
C ARG A 231 22.69 -2.26 6.47
N ARG A 232 23.29 -1.52 5.54
CA ARG A 232 22.58 -0.85 4.45
C ARG A 232 21.98 -1.82 3.42
N LYS A 233 22.37 -3.09 3.44
CA LYS A 233 21.86 -4.06 2.48
C LYS A 233 20.94 -5.10 3.08
N TRP A 234 20.92 -5.27 4.40
CA TRP A 234 20.00 -6.20 5.02
C TRP A 234 18.95 -5.54 5.89
N ILE A 235 19.06 -4.25 6.20
CA ILE A 235 17.93 -3.54 6.79
C ILE A 235 16.79 -3.39 5.78
N GLN A 236 17.11 -3.25 4.48
CA GLN A 236 16.12 -2.96 3.46
C GLN A 236 15.09 -4.07 3.26
N CYS A 237 15.32 -5.27 3.81
CA CYS A 237 14.32 -6.33 3.83
C CYS A 237 13.48 -6.31 5.11
N PHE A 238 13.37 -5.15 5.78
CA PHE A 238 12.55 -5.05 6.98
C PHE A 238 11.55 -3.90 6.91
N ASN A 239 10.95 -3.65 5.74
CA ASN A 239 9.90 -2.65 5.67
C ASN A 239 8.54 -3.20 6.07
N ASP A 240 8.38 -4.53 6.03
CA ASP A 240 7.11 -5.16 6.37
C ASP A 240 6.97 -5.43 7.86
N VAL A 241 7.97 -5.05 8.67
CA VAL A 241 7.88 -5.26 10.11
C VAL A 241 6.91 -4.24 10.71
N THR A 242 6.31 -4.62 11.84
CA THR A 242 5.36 -3.74 12.52
C THR A 242 6.07 -2.76 13.46
N ALA A 243 7.15 -3.19 14.11
CA ALA A 243 7.82 -2.36 15.10
C ALA A 243 9.27 -2.79 15.20
N ILE A 244 10.19 -1.85 14.99
CA ILE A 244 11.62 -2.09 15.20
C ILE A 244 11.94 -1.73 16.65
N ILE A 245 12.31 -2.72 17.45
CA ILE A 245 12.71 -2.47 18.83
C ILE A 245 14.20 -2.12 18.84
N PHE A 246 14.51 -0.91 19.29
CA PHE A 246 15.87 -0.37 19.25
C PHE A 246 16.33 -0.12 20.68
N VAL A 247 16.96 -1.14 21.27
CA VAL A 247 17.46 -1.07 22.64
C VAL A 247 18.94 -0.70 22.62
N VAL A 248 19.31 0.29 23.45
CA VAL A 248 20.68 0.73 23.63
C VAL A 248 20.94 0.88 25.13
N ALA A 249 22.14 1.34 25.46
CA ALA A 249 22.53 1.57 26.85
C ALA A 249 23.23 2.91 27.00
N ASN A 264 32.70 6.03 22.07
CA ASN A 264 31.43 5.98 22.78
C ASN A 264 30.39 5.22 21.96
N ARG A 265 29.48 4.55 22.65
CA ARG A 265 28.39 3.81 22.03
C ARG A 265 27.15 4.67 21.82
N LEU A 266 26.94 5.70 22.64
CA LEU A 266 25.70 6.48 22.60
C LEU A 266 25.63 7.37 21.37
N GLN A 267 26.76 7.98 20.97
CA GLN A 267 26.75 8.84 19.79
C GLN A 267 26.60 8.03 18.51
N ALA A 268 27.24 6.85 18.44
CA ALA A 268 27.02 5.95 17.32
C ALA A 268 25.60 5.42 17.30
N ALA A 269 24.98 5.26 18.47
CA ALA A 269 23.57 4.87 18.53
C ALA A 269 22.67 5.98 18.03
N LEU A 270 23.00 7.24 18.34
CA LEU A 270 22.27 8.39 17.81
C LEU A 270 22.38 8.45 16.28
N LYS A 271 23.59 8.22 15.75
CA LYS A 271 23.79 8.26 14.31
C LYS A 271 23.08 7.10 13.61
N LEU A 272 23.11 5.91 14.23
CA LEU A 272 22.40 4.76 13.66
C LEU A 272 20.89 4.96 13.70
N PHE A 273 20.38 5.57 14.78
CA PHE A 273 18.96 5.85 14.88
C PHE A 273 18.53 6.90 13.86
N ASP A 274 19.39 7.90 13.61
CA ASP A 274 19.10 8.89 12.57
C ASP A 274 19.12 8.27 11.18
N SER A 275 20.03 7.32 10.95
CA SER A 275 20.09 6.64 9.66
C SER A 275 18.89 5.74 9.45
N ILE A 276 18.40 5.09 10.52
CA ILE A 276 17.17 4.29 10.42
C ILE A 276 15.96 5.19 10.22
N TRP A 277 15.93 6.34 10.89
CA TRP A 277 14.79 7.24 10.82
C TRP A 277 14.70 7.94 9.47
N ASN A 278 15.83 8.22 8.83
CA ASN A 278 15.86 9.00 7.60
C ASN A 278 16.15 8.16 6.36
N ASN A 279 15.80 6.87 6.38
CA ASN A 279 15.96 6.03 5.21
C ASN A 279 14.76 6.19 4.28
N LYS A 280 14.99 5.91 2.99
CA LYS A 280 13.92 6.00 1.99
C LYS A 280 12.84 4.93 2.16
N TRP A 281 13.18 3.76 2.70
CA TRP A 281 12.23 2.68 2.81
C TRP A 281 12.00 2.22 4.25
N LEU A 282 12.12 3.14 5.21
CA LEU A 282 11.75 2.87 6.60
C LEU A 282 10.76 3.91 7.10
N ARG A 283 9.99 4.50 6.17
CA ARG A 283 9.06 5.57 6.52
C ARG A 283 7.79 5.06 7.19
N ASP A 284 7.46 3.77 7.03
CA ASP A 284 6.24 3.20 7.61
C ASP A 284 6.56 2.20 8.71
N THR A 285 7.74 2.33 9.32
CA THR A 285 8.16 1.45 10.40
C THR A 285 8.39 2.29 11.66
N SER A 286 7.45 2.25 12.58
CA SER A 286 7.58 2.97 13.84
C SER A 286 8.55 2.24 14.75
N VAL A 287 9.48 2.99 15.33
CA VAL A 287 10.60 2.41 16.08
C VAL A 287 10.33 2.52 17.57
N ILE A 288 10.24 1.39 18.25
CA ILE A 288 10.19 1.35 19.70
C ILE A 288 11.61 1.48 20.23
N LEU A 289 11.82 2.40 21.17
CA LEU A 289 13.15 2.76 21.65
C LEU A 289 13.24 2.43 23.12
N PHE A 290 14.31 1.73 23.51
CA PHE A 290 14.62 1.42 24.91
C PHE A 290 15.92 2.09 25.32
N LEU A 291 16.02 2.38 26.62
CA LEU A 291 17.20 3.01 27.18
C LEU A 291 17.67 2.23 28.39
N ASN A 292 18.90 2.50 28.81
CA ASN A 292 19.51 1.84 29.96
C ASN A 292 20.56 2.79 30.52
N LYS A 293 21.44 2.25 31.38
CA LYS A 293 22.54 2.98 32.04
C LYS A 293 22.04 4.18 32.86
N ILE A 308 29.00 11.24 30.78
CA ILE A 308 27.77 11.96 31.11
C ILE A 308 27.97 13.45 30.87
N GLU A 309 28.88 14.05 31.62
CA GLU A 309 29.17 15.47 31.45
C GLU A 309 30.33 15.71 30.49
N ASP A 310 31.15 14.70 30.23
CA ASP A 310 32.29 14.84 29.34
C ASP A 310 31.92 14.59 27.89
N TYR A 311 31.03 13.61 27.65
CA TYR A 311 30.63 13.29 26.28
C TYR A 311 29.66 14.34 25.73
N PHE A 312 28.90 15.00 26.59
CA PHE A 312 27.96 16.03 26.19
C PHE A 312 28.13 17.25 27.11
N PRO A 313 28.96 18.21 26.73
CA PRO A 313 29.12 19.43 27.55
C PRO A 313 27.93 20.38 27.51
N GLU A 314 26.98 20.17 26.60
CA GLU A 314 25.80 21.03 26.50
C GLU A 314 24.67 20.58 27.43
N PHE A 315 24.97 19.72 28.41
CA PHE A 315 23.94 19.25 29.33
C PHE A 315 23.52 20.33 30.32
N ALA A 316 24.40 21.26 30.64
CA ALA A 316 24.12 22.26 31.67
C ALA A 316 23.13 23.33 31.20
N ARG A 317 22.87 23.44 29.90
CA ARG A 317 21.97 24.44 29.35
C ARG A 317 20.60 23.86 29.03
N TYR A 318 20.12 22.92 29.83
CA TYR A 318 18.85 22.25 29.59
C TYR A 318 17.82 22.66 30.65
N THR A 319 16.60 22.93 30.19
CA THR A 319 15.48 23.22 31.08
C THR A 319 14.71 21.94 31.35
N THR A 320 14.54 21.60 32.62
CA THR A 320 13.99 20.29 33.01
C THR A 320 12.49 20.39 33.23
N PRO A 321 11.68 19.61 32.52
CA PRO A 321 10.24 19.57 32.82
C PRO A 321 9.93 18.62 33.97
N GLU A 322 8.91 18.98 34.76
CA GLU A 322 8.41 18.13 35.83
C GLU A 322 7.12 17.42 35.47
N ASP A 323 6.95 17.04 34.20
CA ASP A 323 5.70 16.41 33.76
C ASP A 323 5.61 14.94 34.16
N ALA A 324 6.74 14.27 34.36
CA ALA A 324 6.77 12.86 34.71
C ALA A 324 7.24 12.71 36.15
N THR A 325 6.49 11.93 36.94
CA THR A 325 6.86 11.69 38.33
C THR A 325 8.00 10.68 38.40
N PRO A 326 9.13 11.04 39.01
CA PRO A 326 10.26 10.11 39.06
C PRO A 326 10.03 8.98 40.06
N GLU A 327 10.79 7.90 39.88
CA GLU A 327 10.78 6.80 40.83
C GLU A 327 11.51 7.24 42.10
N PRO A 328 11.08 6.80 43.28
CA PRO A 328 11.73 7.25 44.51
C PRO A 328 13.10 6.61 44.69
N GLY A 329 13.97 7.35 45.38
CA GLY A 329 15.33 6.90 45.62
C GLY A 329 16.30 7.19 44.49
N GLU A 330 15.99 8.13 43.61
CA GLU A 330 16.83 8.43 42.45
C GLU A 330 17.51 9.78 42.61
N ASP A 331 18.72 9.87 42.08
CA ASP A 331 19.43 11.14 42.00
C ASP A 331 18.73 12.04 40.99
N PRO A 332 18.36 13.27 41.36
CA PRO A 332 17.77 14.20 40.37
C PRO A 332 18.70 14.54 39.20
N ARG A 333 20.02 14.52 39.41
CA ARG A 333 20.94 14.75 38.30
C ARG A 333 20.91 13.59 37.30
N VAL A 334 20.88 12.35 37.80
CA VAL A 334 20.80 11.19 36.94
C VAL A 334 19.44 11.13 36.24
N THR A 335 18.37 11.55 36.95
CA THR A 335 17.05 11.63 36.34
C THR A 335 17.01 12.68 35.22
N ARG A 336 17.62 13.84 35.46
CA ARG A 336 17.73 14.87 34.44
C ARG A 336 18.54 14.39 33.24
N ALA A 337 19.60 13.62 33.47
CA ALA A 337 20.40 13.08 32.38
C ALA A 337 19.62 12.04 31.57
N LYS A 338 18.82 11.22 32.26
CA LYS A 338 18.03 10.19 31.60
C LYS A 338 16.95 10.79 30.72
N TYR A 339 16.19 11.74 31.28
CA TYR A 339 15.20 12.46 30.48
C TYR A 339 15.84 13.36 29.42
N PHE A 340 17.10 13.78 29.62
CA PHE A 340 17.79 14.53 28.57
C PHE A 340 18.17 13.63 27.39
N ILE A 341 18.58 12.38 27.67
CA ILE A 341 18.82 11.42 26.59
C ILE A 341 17.52 11.10 25.85
N ARG A 342 16.41 11.00 26.60
CA ARG A 342 15.09 10.82 25.98
C ARG A 342 14.73 12.01 25.08
N ASP A 343 15.00 13.23 25.55
CA ASP A 343 14.68 14.41 24.75
C ASP A 343 15.61 14.55 23.55
N GLU A 344 16.84 14.06 23.64
CA GLU A 344 17.73 14.06 22.48
C GLU A 344 17.24 13.08 21.41
N PHE A 345 16.84 11.87 21.82
CA PHE A 345 16.26 10.95 20.86
C PHE A 345 14.93 11.47 20.30
N LEU A 346 14.15 12.20 21.10
CA LEU A 346 12.91 12.77 20.59
C LEU A 346 13.15 13.94 19.64
N ARG A 347 14.18 14.75 19.85
CA ARG A 347 14.41 15.85 18.91
C ARG A 347 15.05 15.33 17.62
N ILE A 348 15.84 14.26 17.69
CA ILE A 348 16.32 13.61 16.47
C ILE A 348 15.16 12.93 15.75
N SER A 349 14.16 12.43 16.49
CA SER A 349 12.97 11.85 15.88
C SER A 349 12.13 12.91 15.18
N THR A 350 11.82 14.01 15.88
CA THR A 350 10.95 15.03 15.33
C THR A 350 11.66 15.94 14.33
N ALA A 351 12.98 15.83 14.20
CA ALA A 351 13.70 16.53 13.13
C ALA A 351 13.37 15.85 11.81
N SER A 352 12.37 16.40 11.11
CA SER A 352 11.82 15.89 9.85
C SER A 352 11.32 14.44 10.00
N GLY A 353 10.30 14.28 10.83
CA GLY A 353 9.74 12.98 11.12
C GLY A 353 8.74 12.44 10.12
N ASP A 354 8.21 13.31 9.25
CA ASP A 354 7.36 13.02 8.09
C ASP A 354 5.96 12.53 8.47
N GLY A 355 5.69 12.33 9.75
CA GLY A 355 4.36 12.02 10.24
C GLY A 355 3.86 10.60 9.99
N ARG A 356 4.57 9.80 9.18
CA ARG A 356 4.10 8.45 8.87
C ARG A 356 4.53 7.42 9.89
N HIS A 357 5.49 7.75 10.75
CA HIS A 357 5.97 6.83 11.78
C HIS A 357 6.51 7.65 12.94
N TYR A 358 6.38 7.11 14.15
CA TYR A 358 6.72 7.83 15.35
C TYR A 358 7.54 6.96 16.28
N CYS A 359 8.48 7.58 16.99
CA CYS A 359 9.31 6.88 17.95
C CYS A 359 8.61 6.77 19.30
N TYR A 360 9.11 5.85 20.12
CA TYR A 360 8.56 5.62 21.46
C TYR A 360 9.71 5.29 22.40
N PRO A 361 10.29 6.30 23.06
CA PRO A 361 11.35 6.01 24.04
C PRO A 361 10.79 5.43 25.32
N HIS A 362 11.51 4.46 25.88
CA HIS A 362 11.12 3.81 27.12
C HIS A 362 12.35 3.56 27.97
N PHE A 363 12.13 3.04 29.17
CA PHE A 363 13.19 2.87 30.15
C PHE A 363 13.13 1.47 30.73
N THR A 364 14.30 0.88 30.97
CA THR A 364 14.36 -0.45 31.57
C THR A 364 14.98 -0.38 32.97
N ASN A 371 8.67 -3.40 30.63
CA ASN A 371 8.64 -4.85 30.42
C ASN A 371 7.95 -5.22 29.12
N ILE A 372 7.46 -6.46 29.05
CA ILE A 372 6.79 -6.95 27.85
C ILE A 372 5.39 -6.36 27.71
N ARG A 373 4.78 -5.94 28.82
CA ARG A 373 3.45 -5.31 28.76
C ARG A 373 3.52 -3.95 28.06
N ARG A 374 4.60 -3.20 28.27
CA ARG A 374 4.79 -1.95 27.56
C ARG A 374 5.05 -2.18 26.07
N VAL A 375 5.71 -3.30 25.73
CA VAL A 375 5.91 -3.67 24.34
C VAL A 375 4.58 -3.99 23.68
N PHE A 376 3.70 -4.69 24.40
CA PHE A 376 2.36 -5.01 23.90
C PHE A 376 1.52 -3.74 23.72
N ASN A 377 1.62 -2.81 24.68
CA ASN A 377 0.88 -1.56 24.59
C ASN A 377 1.38 -0.71 23.42
N ASP A 378 2.69 -0.69 23.19
CA ASP A 378 3.25 0.03 22.05
C ASP A 378 2.93 -0.62 20.72
N CYS A 379 2.85 -1.95 20.66
CA CYS A 379 2.43 -2.60 19.43
C CYS A 379 0.97 -2.30 19.13
N ARG A 380 0.12 -2.29 20.17
CA ARG A 380 -1.27 -1.85 20.01
C ARG A 380 -1.35 -0.41 19.54
N ASP A 381 -0.47 0.45 20.06
CA ASP A 381 -0.42 1.85 19.66
C ASP A 381 -0.05 2.00 18.19
N ILE A 382 0.96 1.25 17.74
CA ILE A 382 1.41 1.33 16.34
C ILE A 382 0.34 0.78 15.40
N ILE A 383 -0.32 -0.32 15.78
CA ILE A 383 -1.39 -0.88 14.97
C ILE A 383 -2.58 0.08 14.86
N GLN A 384 -2.96 0.71 15.97
CA GLN A 384 -4.10 1.63 15.94
C GLN A 384 -3.77 2.90 15.20
N ARG A 385 -2.55 3.43 15.32
CA ARG A 385 -2.19 4.62 14.54
C ARG A 385 -2.07 4.30 13.05
N MET A 386 -1.60 3.10 12.71
CA MET A 386 -1.51 2.73 11.30
C MET A 386 -2.89 2.53 10.70
N HIS A 387 -3.83 1.98 11.47
CA HIS A 387 -5.20 1.86 10.98
C HIS A 387 -5.94 3.20 10.94
N LEU A 388 -5.62 4.14 11.83
CA LEU A 388 -6.19 5.47 11.71
C LEU A 388 -5.61 6.23 10.52
N ARG A 389 -4.37 5.94 10.14
CA ARG A 389 -3.86 6.51 8.88
C ARG A 389 -4.41 5.77 7.68
N GLN A 390 -4.85 4.52 7.84
CA GLN A 390 -5.60 3.85 6.79
C GLN A 390 -6.96 4.51 6.58
N TYR A 391 -7.70 4.74 7.65
CA TYR A 391 -9.01 5.39 7.57
C TYR A 391 -8.92 6.91 7.50
N GLU A 392 -7.69 7.47 7.52
CA GLU A 392 -7.40 8.89 7.31
C GLU A 392 -8.07 9.80 8.32
N LEU A 393 -8.26 9.34 9.56
CA LEU A 393 -8.84 10.20 10.58
C LEU A 393 -7.81 11.11 11.22
N LEU A 394 -6.51 10.90 10.96
CA LEU A 394 -5.47 11.76 11.50
C LEU A 394 -4.64 12.38 10.39
N GLU B 13 55.93 -3.14 4.91
CA GLU B 13 55.88 -2.59 3.57
C GLU B 13 54.50 -1.99 3.30
N LEU B 14 54.36 -0.70 3.57
CA LEU B 14 53.08 -0.04 3.35
C LEU B 14 53.21 1.23 2.50
N ASP B 15 54.27 2.01 2.70
CA ASP B 15 54.39 3.29 1.99
C ASP B 15 54.85 3.09 0.55
N GLN B 16 55.95 2.35 0.36
CA GLN B 16 56.41 2.07 -0.99
C GLN B 16 55.47 1.13 -1.74
N LEU B 17 54.79 0.24 -1.03
CA LEU B 17 53.76 -0.60 -1.64
C LEU B 17 52.55 0.23 -2.05
N ARG B 18 52.20 1.22 -1.23
CA ARG B 18 51.11 2.15 -1.55
C ARG B 18 51.43 2.97 -2.79
N GLN B 19 52.66 3.48 -2.88
CA GLN B 19 53.07 4.26 -4.04
C GLN B 19 53.15 3.39 -5.30
N GLU B 20 53.64 2.15 -5.16
CA GLU B 20 53.73 1.25 -6.31
C GLU B 20 52.35 0.81 -6.78
N ALA B 21 51.42 0.59 -5.84
CA ALA B 21 50.05 0.22 -6.21
C ALA B 21 49.33 1.39 -6.87
N GLU B 22 49.57 2.61 -6.40
CA GLU B 22 48.97 3.79 -7.03
C GLU B 22 49.53 4.00 -8.43
N GLN B 23 50.84 3.78 -8.61
CA GLN B 23 51.46 3.91 -9.93
C GLN B 23 50.96 2.83 -10.89
N LEU B 24 50.76 1.61 -10.39
CA LEU B 24 50.29 0.55 -11.25
C LEU B 24 48.80 0.71 -11.60
N LYS B 25 48.00 1.23 -10.67
CA LYS B 25 46.61 1.54 -11.00
C LYS B 25 46.52 2.70 -11.99
N ASN B 26 47.42 3.67 -11.88
CA ASN B 26 47.47 4.74 -12.88
C ASN B 26 47.93 4.21 -14.24
N GLN B 27 48.81 3.21 -14.25
CA GLN B 27 49.20 2.56 -15.51
C GLN B 27 48.02 1.80 -16.12
N ILE B 28 47.19 1.17 -15.28
CA ILE B 28 45.98 0.51 -15.76
C ILE B 28 44.99 1.52 -16.32
N ARG B 29 44.84 2.68 -15.67
CA ARG B 29 43.94 3.72 -16.18
C ARG B 29 44.48 4.30 -17.50
N ASP B 30 45.80 4.43 -17.62
CA ASP B 30 46.40 4.89 -18.87
C ASP B 30 46.26 3.86 -19.99
N ALA B 31 46.34 2.57 -19.67
CA ALA B 31 46.11 1.55 -20.68
C ALA B 31 44.65 1.51 -21.13
N ARG B 32 43.73 1.74 -20.19
CA ARG B 32 42.31 1.85 -20.55
C ARG B 32 42.04 3.09 -21.37
N LYS B 33 42.76 4.18 -21.11
CA LYS B 33 42.62 5.38 -21.92
C LYS B 33 43.19 5.19 -23.33
N ALA B 34 44.30 4.45 -23.42
CA ALA B 34 44.88 4.15 -24.74
C ALA B 34 44.00 3.19 -25.54
N CYS B 35 43.31 2.27 -24.85
CA CYS B 35 42.33 1.43 -25.53
C CYS B 35 41.07 2.23 -25.87
N ALA B 36 40.80 3.30 -25.12
CA ALA B 36 39.62 4.14 -25.34
C ALA B 36 40.00 5.27 -26.31
N ASP B 37 40.19 4.90 -27.57
CA ASP B 37 40.40 5.90 -28.60
C ASP B 37 39.12 6.62 -28.97
N ALA B 38 37.98 5.95 -28.86
CA ALA B 38 36.67 6.55 -29.11
C ALA B 38 35.63 5.80 -28.30
N THR B 39 34.57 6.52 -27.92
CA THR B 39 33.48 5.90 -27.17
C THR B 39 32.63 5.03 -28.09
N LEU B 40 31.80 4.20 -27.46
CA LEU B 40 30.96 3.28 -28.21
C LEU B 40 29.76 3.96 -28.86
N SER B 41 29.26 5.03 -28.25
CA SER B 41 28.09 5.72 -28.82
C SER B 41 28.46 6.47 -30.09
N GLN B 42 29.68 7.02 -30.16
CA GLN B 42 30.10 7.77 -31.34
C GLN B 42 30.39 6.85 -32.53
N ILE B 43 30.67 5.58 -32.27
CA ILE B 43 30.91 4.63 -33.36
C ILE B 43 29.70 3.74 -33.65
N THR B 44 28.71 3.70 -32.75
CA THR B 44 27.46 2.99 -33.01
C THR B 44 26.28 3.94 -33.20
N ASN B 45 26.56 5.23 -33.39
CA ASN B 45 25.50 6.20 -33.68
C ASN B 45 24.91 6.00 -35.08
N ASN B 46 25.64 5.38 -35.99
CA ASN B 46 25.16 5.13 -37.35
C ASN B 46 24.10 4.04 -37.41
N ILE B 47 23.91 3.26 -36.34
CA ILE B 47 22.95 2.18 -36.34
C ILE B 47 21.54 2.76 -36.18
N ASP B 48 20.67 2.42 -37.11
CA ASP B 48 19.27 2.84 -37.02
C ASP B 48 18.58 2.06 -35.91
N PRO B 49 17.95 2.71 -34.95
CA PRO B 49 17.32 1.99 -33.84
C PRO B 49 16.02 1.32 -34.26
N VAL B 50 15.54 0.42 -33.39
CA VAL B 50 14.29 -0.27 -33.65
C VAL B 50 13.11 0.67 -33.43
N GLY B 51 13.14 1.44 -32.36
CA GLY B 51 12.11 2.41 -32.07
C GLY B 51 11.44 2.16 -30.72
N ARG B 52 10.31 2.81 -30.53
CA ARG B 52 9.53 2.70 -29.29
C ARG B 52 8.83 1.35 -29.27
N ILE B 53 9.20 0.50 -28.32
CA ILE B 53 8.62 -0.83 -28.16
C ILE B 53 7.82 -0.82 -26.87
N GLN B 54 6.50 -0.80 -26.99
CA GLN B 54 5.64 -0.84 -25.81
C GLN B 54 5.29 -2.29 -25.47
N MET B 55 4.88 -2.48 -24.21
CA MET B 55 4.48 -3.79 -23.72
C MET B 55 3.10 -3.67 -23.06
N ARG B 56 2.54 -4.82 -22.68
CA ARG B 56 1.20 -4.87 -22.12
C ARG B 56 1.15 -5.94 -21.03
N THR B 57 0.51 -5.61 -19.92
CA THR B 57 0.31 -6.58 -18.84
C THR B 57 -0.66 -7.67 -19.29
N ARG B 58 -0.22 -8.92 -19.19
CA ARG B 58 -1.02 -10.05 -19.63
C ARG B 58 -1.55 -10.90 -18.49
N ARG B 59 -0.76 -11.09 -17.43
CA ARG B 59 -1.17 -11.91 -16.30
C ARG B 59 -0.97 -11.13 -15.00
N THR B 60 -1.65 -11.57 -13.96
CA THR B 60 -1.52 -10.97 -12.63
C THR B 60 -1.68 -12.08 -11.61
N LEU B 61 -0.60 -12.42 -10.91
CA LEU B 61 -0.59 -13.55 -9.98
C LEU B 61 -0.87 -13.04 -8.58
N ARG B 62 -1.82 -13.68 -7.89
CA ARG B 62 -2.29 -13.26 -6.58
C ARG B 62 -2.21 -14.42 -5.59
N GLY B 63 -1.04 -14.60 -4.99
CA GLY B 63 -0.87 -15.65 -4.00
C GLY B 63 0.13 -15.32 -2.90
N HIS B 64 0.48 -14.04 -2.75
CA HIS B 64 1.55 -13.62 -1.87
C HIS B 64 1.01 -12.84 -0.68
N LEU B 65 1.82 -12.81 0.38
CA LEU B 65 1.48 -12.10 1.61
C LEU B 65 2.44 -10.95 1.88
N ALA B 66 3.74 -11.23 1.95
CA ALA B 66 4.75 -10.19 2.14
C ALA B 66 5.26 -9.72 0.78
N LYS B 67 6.33 -8.94 0.77
CA LYS B 67 6.88 -8.44 -0.49
C LYS B 67 7.67 -9.53 -1.20
N ILE B 68 7.77 -9.39 -2.52
CA ILE B 68 8.48 -10.35 -3.36
C ILE B 68 9.89 -9.82 -3.59
N TYR B 69 10.90 -10.57 -3.12
CA TYR B 69 12.27 -10.08 -3.22
C TYR B 69 13.03 -10.68 -4.40
N ALA B 70 12.75 -11.92 -4.79
CA ALA B 70 13.52 -12.55 -5.85
C ALA B 70 12.65 -13.53 -6.62
N MET B 71 12.87 -13.59 -7.93
CA MET B 71 12.28 -14.61 -8.80
C MET B 71 13.37 -15.19 -9.69
N HIS B 72 13.02 -16.27 -10.39
CA HIS B 72 13.93 -16.91 -11.33
C HIS B 72 13.11 -17.73 -12.31
N TRP B 73 13.39 -17.57 -13.60
CA TRP B 73 12.71 -18.35 -14.63
C TRP B 73 13.28 -19.76 -14.71
N GLY B 74 12.68 -20.56 -15.59
CA GLY B 74 13.16 -21.89 -15.88
C GLY B 74 13.72 -21.99 -17.28
N THR B 75 14.42 -23.09 -17.53
CA THR B 75 14.95 -23.35 -18.87
C THR B 75 13.85 -23.78 -19.84
N ASP B 76 12.71 -24.25 -19.34
CA ASP B 76 11.56 -24.51 -20.20
C ASP B 76 10.78 -23.24 -20.50
N SER B 77 11.07 -22.16 -19.76
CA SER B 77 10.41 -20.85 -19.89
C SER B 77 8.91 -20.94 -19.68
N ARG B 78 8.48 -21.82 -18.78
CA ARG B 78 7.07 -22.05 -18.52
C ARG B 78 6.77 -21.96 -17.02
N LEU B 79 7.79 -22.21 -16.21
CA LEU B 79 7.66 -22.19 -14.76
C LEU B 79 8.62 -21.18 -14.16
N LEU B 80 8.29 -20.72 -12.95
CA LEU B 80 9.13 -19.77 -12.24
C LEU B 80 8.94 -19.97 -10.74
N VAL B 81 10.00 -19.66 -9.98
CA VAL B 81 10.02 -19.80 -8.53
C VAL B 81 9.99 -18.41 -7.93
N SER B 82 8.99 -18.15 -7.10
CA SER B 82 8.83 -16.86 -6.43
C SER B 82 9.26 -16.99 -4.98
N ALA B 83 9.97 -15.98 -4.49
CA ALA B 83 10.49 -15.96 -3.12
C ALA B 83 9.85 -14.78 -2.38
N SER B 84 8.91 -15.09 -1.50
CA SER B 84 8.30 -14.08 -0.65
C SER B 84 9.07 -14.00 0.67
N GLN B 85 8.57 -13.22 1.62
CA GLN B 85 9.19 -13.10 2.93
C GLN B 85 8.29 -13.61 4.05
N ASP B 86 7.18 -14.29 3.72
CA ASP B 86 6.42 -15.00 4.73
C ASP B 86 6.98 -16.40 4.99
N GLY B 87 7.91 -16.85 4.16
CA GLY B 87 8.48 -18.18 4.28
C GLY B 87 7.98 -19.20 3.28
N LYS B 88 7.32 -18.77 2.22
CA LYS B 88 6.69 -19.66 1.25
C LYS B 88 7.31 -19.45 -0.12
N LEU B 89 8.06 -20.44 -0.59
CA LEU B 89 8.47 -20.46 -1.99
C LEU B 89 7.35 -21.07 -2.84
N ILE B 90 6.80 -20.27 -3.75
CA ILE B 90 5.65 -20.66 -4.54
C ILE B 90 6.07 -20.80 -5.99
N ILE B 91 5.91 -22.00 -6.53
CA ILE B 91 6.21 -22.26 -7.93
C ILE B 91 4.99 -21.89 -8.76
N TRP B 92 5.13 -20.87 -9.60
CA TRP B 92 4.05 -20.38 -10.43
C TRP B 92 4.16 -20.95 -11.84
N ASP B 93 3.01 -21.18 -12.46
CA ASP B 93 2.93 -21.59 -13.86
C ASP B 93 2.50 -20.38 -14.67
N SER B 94 3.25 -20.08 -15.74
CA SER B 94 3.09 -18.81 -16.44
C SER B 94 1.86 -18.81 -17.36
N TYR B 95 1.83 -19.71 -18.33
CA TYR B 95 0.82 -19.65 -19.39
C TYR B 95 -0.52 -20.24 -18.99
N THR B 96 -0.63 -20.84 -17.81
CA THR B 96 -1.91 -21.32 -17.29
C THR B 96 -2.32 -20.63 -16.01
N THR B 97 -1.62 -19.54 -15.62
CA THR B 97 -1.75 -18.71 -14.42
C THR B 97 -2.07 -19.49 -13.13
N ASN B 98 -1.42 -20.64 -12.95
CA ASN B 98 -1.68 -21.48 -11.79
C ASN B 98 -0.40 -21.78 -11.01
N LYS B 99 -0.51 -22.67 -10.02
CA LYS B 99 0.59 -22.99 -9.12
C LYS B 99 0.89 -24.48 -9.18
N VAL B 100 2.14 -24.82 -8.89
CA VAL B 100 2.63 -26.20 -8.97
C VAL B 100 2.95 -26.75 -7.58
N HIS B 101 3.89 -26.12 -6.88
CA HIS B 101 4.19 -26.49 -5.49
C HIS B 101 4.39 -25.23 -4.66
N ALA B 102 4.06 -25.35 -3.37
CA ALA B 102 4.30 -24.31 -2.38
C ALA B 102 5.26 -24.88 -1.34
N ILE B 103 6.41 -24.25 -1.19
CA ILE B 103 7.50 -24.76 -0.35
C ILE B 103 7.57 -23.91 0.91
N PRO B 104 7.26 -24.47 2.08
CA PRO B 104 7.35 -23.70 3.32
C PRO B 104 8.74 -23.77 3.96
N LEU B 105 8.96 -22.88 4.91
CA LEU B 105 10.17 -22.81 5.71
C LEU B 105 9.83 -22.57 7.18
N ARG B 106 10.84 -22.71 8.03
CA ARG B 106 10.74 -22.28 9.42
C ARG B 106 11.23 -20.86 9.63
N SER B 107 11.95 -20.31 8.66
CA SER B 107 12.35 -18.91 8.65
C SER B 107 11.39 -18.12 7.77
N SER B 108 11.63 -16.81 7.70
CA SER B 108 10.74 -15.91 6.96
C SER B 108 11.41 -15.28 5.76
N TRP B 109 12.54 -14.60 5.96
CA TRP B 109 13.15 -13.78 4.91
C TRP B 109 13.93 -14.67 3.93
N VAL B 110 13.32 -14.86 2.77
CA VAL B 110 13.94 -15.63 1.69
C VAL B 110 14.61 -14.65 0.74
N MET B 111 15.91 -14.42 0.94
CA MET B 111 16.61 -13.39 0.17
C MET B 111 17.06 -13.86 -1.20
N THR B 112 16.99 -15.17 -1.49
CA THR B 112 17.41 -15.67 -2.78
C THR B 112 16.58 -16.90 -3.15
N CYS B 113 16.53 -17.17 -4.45
CA CYS B 113 15.87 -18.36 -4.97
C CYS B 113 16.48 -18.68 -6.32
N ALA B 114 16.59 -19.98 -6.62
CA ALA B 114 17.23 -20.43 -7.85
C ALA B 114 16.47 -21.62 -8.41
N TYR B 115 16.66 -21.88 -9.70
CA TYR B 115 16.04 -23.00 -10.38
C TYR B 115 17.11 -23.78 -11.13
N ALA B 116 16.92 -25.09 -11.24
CA ALA B 116 17.93 -25.95 -11.81
C ALA B 116 17.98 -25.81 -13.33
N PRO B 117 19.16 -26.01 -13.94
CA PRO B 117 19.22 -25.96 -15.42
C PRO B 117 18.54 -27.14 -16.08
N SER B 118 18.31 -28.24 -15.36
CA SER B 118 17.52 -29.35 -15.88
C SER B 118 16.11 -29.38 -15.31
N GLY B 119 15.83 -28.57 -14.28
CA GLY B 119 14.50 -28.49 -13.71
C GLY B 119 14.21 -29.56 -12.67
N ASN B 120 15.09 -29.68 -11.67
CA ASN B 120 14.92 -30.69 -10.63
C ASN B 120 15.17 -30.18 -9.22
N TYR B 121 15.80 -29.03 -9.04
CA TYR B 121 16.17 -28.56 -7.71
C TYR B 121 15.91 -27.06 -7.59
N VAL B 122 15.44 -26.64 -6.42
CA VAL B 122 15.10 -25.25 -6.13
C VAL B 122 15.86 -24.83 -4.87
N ALA B 123 16.62 -23.74 -4.97
CA ALA B 123 17.40 -23.24 -3.84
C ALA B 123 16.68 -22.08 -3.15
N CYS B 124 17.13 -21.79 -1.94
CA CYS B 124 16.62 -20.67 -1.16
C CYS B 124 17.67 -20.29 -0.12
N GLY B 125 17.43 -19.19 0.57
CA GLY B 125 18.34 -18.73 1.61
C GLY B 125 18.17 -17.28 1.98
N GLY B 126 18.45 -16.95 3.25
CA GLY B 126 18.32 -15.59 3.73
C GLY B 126 19.27 -15.26 4.85
N LEU B 127 18.75 -14.62 5.91
CA LEU B 127 19.57 -14.28 7.06
C LEU B 127 19.89 -15.51 7.90
N ASP B 128 19.11 -16.58 7.74
CA ASP B 128 19.26 -17.78 8.56
C ASP B 128 20.44 -18.67 8.14
N ASN B 129 21.15 -18.31 7.06
CA ASN B 129 22.37 -18.95 6.57
C ASN B 129 22.17 -20.42 6.17
N ILE B 130 20.93 -20.84 5.94
CA ILE B 130 20.64 -22.23 5.57
C ILE B 130 20.26 -22.22 4.09
N CYS B 131 21.21 -22.62 3.25
CA CYS B 131 20.96 -22.74 1.82
C CYS B 131 20.34 -24.12 1.55
N SER B 132 19.01 -24.17 1.56
CA SER B 132 18.28 -25.42 1.41
C SER B 132 18.04 -25.72 -0.07
N ILE B 133 18.14 -26.99 -0.43
CA ILE B 133 17.92 -27.46 -1.79
C ILE B 133 16.70 -28.37 -1.78
N TYR B 134 15.66 -27.97 -2.52
CA TYR B 134 14.40 -28.70 -2.57
C TYR B 134 14.30 -29.44 -3.90
N ASN B 135 14.18 -30.76 -3.83
CA ASN B 135 14.02 -31.59 -5.01
C ASN B 135 12.62 -31.39 -5.61
N LEU B 136 12.53 -31.61 -6.92
CA LEU B 136 11.28 -31.44 -7.66
C LEU B 136 10.75 -32.79 -8.16
N LYS B 137 11.01 -33.86 -7.41
CA LYS B 137 10.55 -35.19 -7.78
C LYS B 137 9.38 -35.67 -6.92
N THR B 138 9.49 -35.50 -5.59
CA THR B 138 8.45 -35.83 -4.60
C THR B 138 8.04 -37.30 -4.68
N ARG B 139 8.99 -38.18 -4.35
CA ARG B 139 8.75 -39.62 -4.40
C ARG B 139 7.82 -40.07 -3.28
N GLU B 140 8.23 -39.85 -2.03
CA GLU B 140 7.47 -40.37 -0.90
C GLU B 140 6.32 -39.44 -0.51
N GLY B 141 6.61 -38.16 -0.34
CA GLY B 141 5.59 -37.22 0.10
C GLY B 141 5.72 -35.86 -0.56
N ASN B 142 5.69 -34.80 0.25
CA ASN B 142 5.79 -33.43 -0.25
C ASN B 142 7.25 -33.06 -0.43
N VAL B 143 7.52 -31.77 -0.63
CA VAL B 143 8.88 -31.29 -0.81
C VAL B 143 9.62 -31.32 0.52
N ARG B 144 10.94 -31.45 0.44
CA ARG B 144 11.77 -31.62 1.63
C ARG B 144 13.18 -31.19 1.28
N VAL B 145 13.88 -30.63 2.28
CA VAL B 145 15.30 -30.31 2.17
C VAL B 145 16.10 -31.58 1.97
N SER B 146 16.75 -31.72 0.82
CA SER B 146 17.61 -32.88 0.58
C SER B 146 18.87 -32.80 1.43
N ARG B 147 19.69 -31.78 1.18
CA ARG B 147 20.85 -31.48 2.01
C ARG B 147 20.94 -29.97 2.19
N GLU B 148 21.61 -29.55 3.27
CA GLU B 148 21.77 -28.14 3.58
C GLU B 148 23.23 -27.74 3.45
N LEU B 149 23.45 -26.46 3.19
CA LEU B 149 24.77 -25.92 2.91
C LEU B 149 25.10 -24.77 3.86
N ALA B 150 24.82 -24.95 5.15
CA ALA B 150 25.04 -23.91 6.13
C ALA B 150 26.51 -23.81 6.53
N GLY B 151 27.26 -22.95 5.87
CA GLY B 151 28.66 -22.77 6.20
C GLY B 151 29.12 -21.32 6.29
N HIS B 152 28.27 -20.40 5.86
CA HIS B 152 28.64 -18.99 5.85
C HIS B 152 28.44 -18.39 7.24
N THR B 153 29.11 -17.25 7.46
CA THR B 153 29.08 -16.56 8.75
C THR B 153 28.30 -15.25 8.70
N GLY B 154 27.83 -14.82 7.53
CA GLY B 154 27.05 -13.60 7.44
C GLY B 154 25.61 -13.85 7.06
N TYR B 155 25.26 -13.56 5.81
CA TYR B 155 23.94 -13.87 5.27
C TYR B 155 24.10 -14.37 3.85
N LEU B 156 23.00 -14.71 3.21
CA LEU B 156 22.97 -15.19 1.83
C LEU B 156 22.10 -14.27 1.00
N SER B 157 22.64 -13.80 -0.12
CA SER B 157 21.94 -12.81 -0.95
C SER B 157 21.55 -13.33 -2.32
N CYS B 158 22.40 -14.10 -2.99
CA CYS B 158 22.08 -14.60 -4.33
C CYS B 158 22.84 -15.89 -4.59
N CYS B 159 22.15 -16.88 -5.15
CA CYS B 159 22.76 -18.14 -5.56
C CYS B 159 22.13 -18.59 -6.86
N ARG B 160 22.95 -19.19 -7.73
CA ARG B 160 22.49 -19.66 -9.03
C ARG B 160 23.12 -21.02 -9.31
N PHE B 161 22.30 -21.97 -9.76
CA PHE B 161 22.80 -23.31 -10.06
C PHE B 161 23.66 -23.32 -11.32
N LEU B 162 24.88 -23.84 -11.19
CA LEU B 162 25.66 -24.20 -12.36
C LEU B 162 25.10 -25.45 -13.02
N ASP B 163 25.08 -26.54 -12.28
CA ASP B 163 24.44 -27.79 -12.67
C ASP B 163 23.63 -28.34 -11.49
N ASP B 164 23.17 -29.58 -11.61
CA ASP B 164 22.41 -30.22 -10.55
C ASP B 164 23.27 -30.71 -9.38
N ASN B 165 24.60 -30.59 -9.48
CA ASN B 165 25.47 -31.13 -8.45
C ASN B 165 26.07 -30.07 -7.54
N GLN B 166 26.20 -28.82 -8.01
CA GLN B 166 26.84 -27.79 -7.21
C GLN B 166 26.21 -26.45 -7.51
N ILE B 167 26.39 -25.52 -6.58
CA ILE B 167 25.82 -24.17 -6.67
C ILE B 167 26.74 -23.16 -5.97
N VAL B 168 26.99 -22.03 -6.63
CA VAL B 168 27.77 -20.97 -6.02
C VAL B 168 26.84 -20.07 -5.20
N THR B 169 27.30 -19.65 -4.03
CA THR B 169 26.50 -18.87 -3.09
C THR B 169 27.22 -17.56 -2.80
N SER B 170 26.71 -16.46 -3.35
CA SER B 170 27.23 -15.15 -3.01
C SER B 170 26.72 -14.74 -1.63
N SER B 171 27.64 -14.61 -0.67
CA SER B 171 27.29 -14.39 0.71
C SER B 171 27.49 -12.91 1.08
N GLY B 172 27.19 -12.58 2.34
CA GLY B 172 27.31 -11.22 2.80
C GLY B 172 28.50 -10.99 3.69
N ASP B 173 29.18 -12.06 4.10
CA ASP B 173 30.40 -11.96 4.89
C ASP B 173 31.66 -11.99 4.05
N THR B 174 31.57 -11.47 2.80
CA THR B 174 32.66 -11.20 1.85
C THR B 174 33.29 -12.49 1.31
N THR B 175 32.78 -13.64 1.73
CA THR B 175 33.32 -14.93 1.31
C THR B 175 32.36 -15.58 0.31
N CYS B 176 32.78 -15.62 -0.96
CA CYS B 176 32.05 -16.35 -1.99
C CYS B 176 32.66 -17.74 -2.13
N ALA B 177 31.80 -18.75 -2.24
CA ALA B 177 32.28 -20.12 -2.26
C ALA B 177 31.36 -20.98 -3.11
N LEU B 178 31.95 -21.97 -3.78
CA LEU B 178 31.22 -22.97 -4.53
C LEU B 178 30.96 -24.17 -3.62
N TRP B 179 29.73 -24.70 -3.66
CA TRP B 179 29.27 -25.68 -2.70
C TRP B 179 28.78 -26.93 -3.42
N ASP B 180 29.48 -28.03 -3.23
CA ASP B 180 28.98 -29.33 -3.65
C ASP B 180 27.92 -29.79 -2.67
N ILE B 181 26.89 -30.48 -3.18
CA ILE B 181 25.74 -30.83 -2.36
C ILE B 181 26.08 -31.98 -1.41
N GLU B 182 26.62 -33.07 -1.97
CA GLU B 182 26.84 -34.29 -1.19
C GLU B 182 28.03 -34.20 -0.24
N THR B 183 28.89 -33.19 -0.38
CA THR B 183 30.02 -33.06 0.54
C THR B 183 29.66 -32.21 1.76
N GLY B 184 28.82 -31.20 1.57
CA GLY B 184 28.45 -30.32 2.66
C GLY B 184 29.53 -29.35 3.10
N GLN B 185 30.54 -29.12 2.28
CA GLN B 185 31.65 -28.24 2.62
C GLN B 185 32.03 -27.42 1.40
N GLN B 186 33.02 -26.56 1.57
CA GLN B 186 33.46 -25.68 0.49
C GLN B 186 34.33 -26.44 -0.49
N THR B 187 33.90 -26.47 -1.76
CA THR B 187 34.77 -27.00 -2.81
C THR B 187 35.91 -26.03 -3.09
N THR B 188 35.58 -24.74 -3.26
CA THR B 188 36.57 -23.69 -3.40
C THR B 188 36.01 -22.42 -2.76
N THR B 189 36.90 -21.47 -2.51
CA THR B 189 36.53 -20.27 -1.76
C THR B 189 37.18 -19.05 -2.41
N PHE B 190 36.38 -18.02 -2.66
CA PHE B 190 36.83 -16.80 -3.32
C PHE B 190 36.61 -15.63 -2.36
N THR B 191 37.70 -15.10 -1.81
CA THR B 191 37.64 -13.99 -0.87
C THR B 191 38.36 -12.76 -1.40
N GLY B 192 38.22 -12.48 -2.69
CA GLY B 192 38.89 -11.34 -3.28
C GLY B 192 38.21 -9.99 -3.04
N HIS B 193 36.99 -9.99 -2.51
CA HIS B 193 36.25 -8.75 -2.32
C HIS B 193 36.63 -8.11 -0.99
N THR B 194 36.08 -6.91 -0.75
CA THR B 194 36.22 -6.21 0.52
C THR B 194 34.90 -5.94 1.20
N GLY B 195 33.85 -5.59 0.43
CA GLY B 195 32.55 -5.29 0.99
C GLY B 195 31.56 -6.41 0.79
N ASP B 196 30.27 -6.04 0.89
CA ASP B 196 29.20 -7.01 0.72
C ASP B 196 29.03 -7.36 -0.75
N VAL B 197 28.39 -8.50 -1.00
CA VAL B 197 28.11 -8.99 -2.35
C VAL B 197 26.61 -9.19 -2.47
N MET B 198 25.99 -8.56 -3.48
CA MET B 198 24.55 -8.61 -3.60
C MET B 198 24.10 -9.69 -4.58
N SER B 199 24.53 -9.61 -5.84
CA SER B 199 24.01 -10.49 -6.88
C SER B 199 25.14 -10.98 -7.77
N LEU B 200 24.83 -12.01 -8.56
CA LEU B 200 25.73 -12.53 -9.57
C LEU B 200 24.91 -12.93 -10.79
N SER B 201 25.61 -13.45 -11.79
CA SER B 201 24.97 -13.99 -12.99
C SER B 201 25.87 -15.07 -13.57
N LEU B 202 25.36 -15.78 -14.56
CA LEU B 202 26.06 -16.91 -15.17
C LEU B 202 26.13 -16.75 -16.68
N ALA B 203 27.31 -16.98 -17.23
CA ALA B 203 27.51 -17.05 -18.66
C ALA B 203 26.82 -18.31 -19.20
N PRO B 204 26.44 -18.31 -20.49
CA PRO B 204 25.73 -19.49 -21.03
C PRO B 204 26.55 -20.77 -21.09
N ASP B 205 27.88 -20.72 -20.95
CA ASP B 205 28.65 -21.95 -20.86
C ASP B 205 28.74 -22.49 -19.44
N THR B 206 28.20 -21.75 -18.46
CA THR B 206 28.16 -22.11 -17.03
C THR B 206 29.55 -22.37 -16.45
N ARG B 207 30.56 -21.67 -16.95
CA ARG B 207 31.92 -21.79 -16.42
C ARG B 207 32.42 -20.48 -15.84
N LEU B 208 32.33 -19.38 -16.59
CA LEU B 208 32.74 -18.08 -16.10
C LEU B 208 31.56 -17.37 -15.46
N PHE B 209 31.81 -16.66 -14.37
CA PHE B 209 30.77 -15.91 -13.69
C PHE B 209 31.40 -14.70 -13.01
N VAL B 210 30.56 -13.70 -12.76
CA VAL B 210 30.98 -12.46 -12.15
C VAL B 210 30.34 -12.34 -10.76
N SER B 211 30.68 -11.26 -10.07
CA SER B 211 30.19 -11.04 -8.71
C SER B 211 30.04 -9.55 -8.48
N GLY B 212 28.81 -9.12 -8.20
CA GLY B 212 28.55 -7.72 -7.92
C GLY B 212 28.81 -7.37 -6.47
N ALA B 213 29.88 -6.63 -6.21
CA ALA B 213 30.28 -6.28 -4.86
C ALA B 213 29.85 -4.87 -4.51
N CYS B 214 29.84 -4.57 -3.21
CA CYS B 214 29.42 -3.28 -2.69
C CYS B 214 30.58 -2.33 -2.44
N ASP B 215 31.67 -2.44 -3.22
CA ASP B 215 32.78 -1.49 -3.14
C ASP B 215 33.14 -0.96 -4.53
N ALA B 216 32.14 -0.90 -5.42
CA ALA B 216 32.24 -0.44 -6.81
C ALA B 216 33.29 -1.21 -7.61
N SER B 217 33.46 -2.50 -7.34
CA SER B 217 34.44 -3.34 -8.02
C SER B 217 33.78 -4.66 -8.41
N ALA B 218 33.51 -4.81 -9.70
CA ALA B 218 33.02 -6.08 -10.22
C ALA B 218 34.20 -7.01 -10.52
N LYS B 219 34.09 -8.25 -10.07
CA LYS B 219 35.17 -9.21 -10.19
C LYS B 219 34.75 -10.35 -11.09
N LEU B 220 35.53 -10.62 -12.13
CA LEU B 220 35.35 -11.85 -12.90
C LEU B 220 35.94 -13.03 -12.16
N TRP B 221 35.15 -14.07 -11.97
CA TRP B 221 35.61 -15.28 -11.29
C TRP B 221 35.52 -16.47 -12.24
N ASP B 222 36.12 -17.58 -11.81
CA ASP B 222 36.08 -18.81 -12.58
C ASP B 222 36.27 -19.98 -11.62
N VAL B 223 35.72 -21.14 -12.01
CA VAL B 223 35.79 -22.32 -11.15
C VAL B 223 37.18 -22.95 -11.21
N ARG B 224 37.68 -23.18 -12.43
CA ARG B 224 38.96 -23.85 -12.63
C ARG B 224 40.16 -23.01 -12.22
N GLU B 225 40.00 -21.69 -12.13
CA GLU B 225 41.15 -20.84 -11.79
C GLU B 225 41.41 -20.83 -10.29
N GLY B 226 40.35 -20.71 -9.48
CA GLY B 226 40.53 -20.51 -8.06
C GLY B 226 40.97 -19.10 -7.69
N MET B 227 40.88 -18.16 -8.62
CA MET B 227 41.38 -16.81 -8.47
C MET B 227 40.71 -15.94 -9.52
N CYS B 228 40.60 -14.64 -9.22
CA CYS B 228 39.88 -13.71 -10.09
C CYS B 228 40.74 -13.38 -11.30
N ARG B 229 40.09 -13.29 -12.47
CA ARG B 229 40.81 -12.94 -13.69
C ARG B 229 40.89 -11.43 -13.86
N GLN B 230 39.75 -10.75 -13.78
CA GLN B 230 39.66 -9.33 -14.05
C GLN B 230 38.93 -8.61 -12.92
N THR B 231 39.09 -7.29 -12.88
CA THR B 231 38.46 -6.43 -11.88
C THR B 231 38.04 -5.14 -12.55
N PHE B 232 36.77 -4.78 -12.40
CA PHE B 232 36.20 -3.58 -13.03
C PHE B 232 35.82 -2.59 -11.94
N THR B 233 36.72 -1.63 -11.69
CA THR B 233 36.47 -0.57 -10.72
C THR B 233 36.03 0.69 -11.48
N GLY B 234 34.77 0.68 -11.90
CA GLY B 234 34.25 1.78 -12.70
C GLY B 234 33.16 2.58 -12.02
N HIS B 235 32.40 1.95 -11.14
CA HIS B 235 31.25 2.60 -10.52
C HIS B 235 31.69 3.57 -9.42
N GLU B 236 30.69 4.25 -8.85
CA GLU B 236 30.90 5.22 -7.79
C GLU B 236 30.18 4.87 -6.49
N SER B 237 29.10 4.09 -6.56
CA SER B 237 28.31 3.69 -5.40
C SER B 237 28.24 2.17 -5.33
N ASP B 238 27.40 1.69 -4.42
CA ASP B 238 27.19 0.26 -4.25
C ASP B 238 26.41 -0.34 -5.42
N ILE B 239 26.67 -1.61 -5.68
CA ILE B 239 26.11 -2.32 -6.83
C ILE B 239 25.05 -3.29 -6.33
N ASN B 240 23.83 -3.16 -6.85
CA ASN B 240 22.72 -4.05 -6.51
C ASN B 240 22.24 -4.88 -7.69
N ALA B 241 22.85 -4.73 -8.86
CA ALA B 241 22.36 -5.40 -10.06
C ALA B 241 23.54 -5.72 -10.97
N ILE B 242 23.56 -6.94 -11.50
CA ILE B 242 24.59 -7.39 -12.43
C ILE B 242 24.04 -8.54 -13.26
N CYS B 243 24.35 -8.54 -14.55
CA CYS B 243 23.84 -9.57 -15.46
C CYS B 243 24.73 -9.61 -16.70
N PHE B 244 24.89 -10.81 -17.24
CA PHE B 244 25.67 -11.01 -18.46
C PHE B 244 24.90 -10.62 -19.71
N PHE B 245 25.61 -10.09 -20.69
CA PHE B 245 25.11 -10.06 -22.06
C PHE B 245 25.07 -11.49 -22.58
N PRO B 246 24.05 -11.87 -23.37
CA PRO B 246 23.82 -13.29 -23.66
C PRO B 246 24.88 -13.98 -24.52
N ASN B 247 25.88 -13.28 -25.04
CA ASN B 247 26.94 -13.97 -25.78
C ASN B 247 27.94 -14.62 -24.84
N GLY B 248 27.99 -14.20 -23.58
CA GLY B 248 28.99 -14.67 -22.64
C GLY B 248 30.25 -13.84 -22.59
N ASN B 249 30.29 -12.71 -23.30
CA ASN B 249 31.47 -11.86 -23.36
C ASN B 249 31.32 -10.60 -22.53
N ALA B 250 30.23 -9.85 -22.75
CA ALA B 250 30.00 -8.62 -22.03
C ALA B 250 29.01 -8.84 -20.88
N PHE B 251 28.89 -7.82 -20.03
CA PHE B 251 27.96 -7.88 -18.91
C PHE B 251 27.61 -6.46 -18.49
N ALA B 252 26.36 -6.26 -18.09
CA ALA B 252 25.89 -4.97 -17.59
C ALA B 252 25.73 -5.01 -16.08
N THR B 253 25.99 -3.88 -15.44
CA THR B 253 25.89 -3.74 -14.00
C THR B 253 24.96 -2.59 -13.66
N GLY B 254 24.26 -2.72 -12.52
CA GLY B 254 23.40 -1.66 -12.05
C GLY B 254 23.75 -1.24 -10.64
N SER B 255 23.90 0.08 -10.44
CA SER B 255 24.28 0.65 -9.16
C SER B 255 23.19 1.62 -8.69
N ASP B 256 23.42 2.23 -7.52
CA ASP B 256 22.45 3.14 -6.93
C ASP B 256 22.71 4.60 -7.30
N ASP B 257 23.73 4.88 -8.09
CA ASP B 257 24.07 6.24 -8.47
C ASP B 257 23.40 6.68 -9.78
N ALA B 258 22.24 6.11 -10.09
CA ALA B 258 21.42 6.38 -11.28
C ALA B 258 22.14 6.13 -12.60
N THR B 259 23.18 5.29 -12.60
CA THR B 259 23.92 4.94 -13.80
C THR B 259 23.87 3.43 -14.02
N CYS B 260 24.06 3.03 -15.28
CA CYS B 260 24.15 1.63 -15.67
C CYS B 260 25.39 1.50 -16.56
N ARG B 261 26.54 1.27 -15.93
CA ARG B 261 27.80 1.17 -16.66
C ARG B 261 27.87 -0.18 -17.35
N LEU B 262 27.78 -0.17 -18.68
CA LEU B 262 27.91 -1.38 -19.46
C LEU B 262 29.38 -1.76 -19.60
N PHE B 263 29.73 -2.95 -19.13
CA PHE B 263 31.10 -3.42 -19.15
C PHE B 263 31.25 -4.54 -20.18
N ASP B 264 32.50 -4.94 -20.38
CA ASP B 264 32.86 -6.05 -21.26
C ASP B 264 34.17 -6.64 -20.75
N LEU B 265 34.25 -7.98 -20.77
CA LEU B 265 35.42 -8.65 -20.24
C LEU B 265 36.64 -8.45 -21.12
N ARG B 266 36.49 -8.65 -22.43
CA ARG B 266 37.62 -8.54 -23.34
C ARG B 266 37.96 -7.09 -23.69
N ALA B 267 37.11 -6.14 -23.34
CA ALA B 267 37.38 -4.73 -23.61
C ALA B 267 37.98 -4.00 -22.42
N ASP B 268 38.06 -4.66 -21.25
CA ASP B 268 38.84 -4.28 -20.07
C ASP B 268 38.30 -3.03 -19.36
N GLN B 269 37.21 -2.44 -19.86
CA GLN B 269 36.70 -1.21 -19.29
C GLN B 269 35.19 -1.13 -19.56
N GLU B 270 34.62 0.04 -19.31
CA GLU B 270 33.20 0.29 -19.52
C GLU B 270 32.92 0.66 -20.97
N LEU B 271 31.65 0.60 -21.34
CA LEU B 271 31.24 0.89 -22.71
C LEU B 271 30.21 2.02 -22.81
N MET B 272 29.22 2.05 -21.92
CA MET B 272 28.15 3.03 -22.01
C MET B 272 27.56 3.25 -20.62
N THR B 273 27.28 4.51 -20.31
CA THR B 273 26.73 4.90 -19.01
C THR B 273 25.31 5.43 -19.22
N TYR B 274 24.35 4.83 -18.54
CA TYR B 274 22.95 5.23 -18.63
C TYR B 274 22.61 6.18 -17.47
N SER B 275 22.99 7.44 -17.65
CA SER B 275 22.79 8.47 -16.65
C SER B 275 21.74 9.45 -17.18
N HIS B 276 20.48 9.17 -16.87
CA HIS B 276 19.38 10.04 -17.28
C HIS B 276 19.21 11.15 -16.25
N ASP B 277 18.91 12.36 -16.75
CA ASP B 277 18.88 13.53 -15.88
C ASP B 277 17.64 13.59 -15.00
N ASN B 278 16.54 12.98 -15.41
CA ASN B 278 15.32 12.96 -14.63
C ASN B 278 15.23 11.77 -13.69
N ILE B 279 16.32 11.02 -13.53
CA ILE B 279 16.35 9.87 -12.64
C ILE B 279 17.42 10.16 -11.58
N ILE B 280 16.99 10.28 -10.33
CA ILE B 280 17.89 10.52 -9.21
C ILE B 280 17.80 9.37 -8.23
N CYS B 281 17.39 8.20 -8.72
CA CYS B 281 17.17 7.03 -7.88
C CYS B 281 17.99 5.86 -8.40
N GLY B 282 18.00 4.78 -7.62
CA GLY B 282 18.87 3.66 -7.91
C GLY B 282 18.30 2.65 -8.90
N ILE B 283 19.10 1.63 -9.18
CA ILE B 283 18.75 0.54 -10.09
C ILE B 283 18.74 -0.76 -9.29
N THR B 284 17.64 -1.50 -9.38
CA THR B 284 17.42 -2.70 -8.56
C THR B 284 17.92 -3.96 -9.24
N SER B 285 17.46 -4.24 -10.46
CA SER B 285 17.76 -5.50 -11.12
C SER B 285 17.72 -5.31 -12.62
N VAL B 286 18.75 -5.80 -13.32
CA VAL B 286 18.86 -5.68 -14.77
C VAL B 286 18.94 -7.08 -15.37
N SER B 287 18.56 -7.16 -16.65
CA SER B 287 18.66 -8.39 -17.44
C SER B 287 18.60 -8.01 -18.92
N PHE B 288 19.08 -8.92 -19.75
CA PHE B 288 19.01 -8.79 -21.20
C PHE B 288 17.96 -9.74 -21.77
N SER B 289 17.55 -9.45 -23.00
CA SER B 289 16.59 -10.29 -23.72
C SER B 289 17.35 -11.38 -24.46
N LYS B 290 16.66 -12.07 -25.38
CA LYS B 290 17.30 -13.10 -26.17
C LYS B 290 18.29 -12.51 -27.18
N SER B 291 17.99 -11.34 -27.71
CA SER B 291 18.93 -10.66 -28.59
C SER B 291 19.97 -9.88 -27.78
N GLY B 292 19.51 -9.13 -26.78
CA GLY B 292 20.39 -8.28 -25.98
C GLY B 292 20.26 -6.80 -26.27
N ARG B 293 19.37 -6.42 -27.19
CA ARG B 293 19.19 -5.01 -27.52
C ARG B 293 18.33 -4.28 -26.50
N LEU B 294 17.33 -4.96 -25.93
CA LEU B 294 16.43 -4.36 -24.96
C LEU B 294 17.05 -4.45 -23.57
N LEU B 295 17.58 -3.33 -23.08
CA LEU B 295 18.09 -3.27 -21.72
C LEU B 295 16.90 -3.14 -20.77
N LEU B 296 16.60 -4.22 -20.06
CA LEU B 296 15.44 -4.29 -19.17
C LEU B 296 15.93 -4.11 -17.75
N ALA B 297 15.78 -2.89 -17.24
CA ALA B 297 16.31 -2.50 -15.94
C ALA B 297 15.19 -2.25 -14.95
N GLY B 298 15.46 -2.48 -13.68
CA GLY B 298 14.50 -2.20 -12.63
C GLY B 298 14.88 -0.98 -11.80
N TYR B 299 14.13 0.10 -11.93
CA TYR B 299 14.44 1.34 -11.25
C TYR B 299 13.72 1.41 -9.90
N ASP B 300 13.93 2.50 -9.17
CA ASP B 300 13.35 2.70 -7.86
C ASP B 300 12.08 3.56 -7.90
N ASP B 301 11.92 4.39 -8.93
CA ASP B 301 10.76 5.25 -9.04
C ASP B 301 9.57 4.55 -9.70
N PHE B 302 9.22 3.37 -9.19
CA PHE B 302 7.96 2.66 -9.42
C PHE B 302 7.73 2.23 -10.87
N ASN B 303 8.79 2.14 -11.67
CA ASN B 303 8.64 1.68 -13.05
C ASN B 303 9.93 1.04 -13.55
N CYS B 304 9.81 0.24 -14.60
CA CYS B 304 10.96 -0.41 -15.23
C CYS B 304 11.14 0.19 -16.62
N ASN B 305 12.10 1.11 -16.73
CA ASN B 305 12.34 1.84 -17.98
C ASN B 305 13.13 0.95 -18.92
N VAL B 306 12.60 0.75 -20.11
CA VAL B 306 13.26 -0.04 -21.15
C VAL B 306 14.26 0.84 -21.88
N TRP B 307 15.52 0.43 -21.89
CA TRP B 307 16.59 1.19 -22.50
C TRP B 307 17.15 0.47 -23.72
N ASP B 308 17.73 1.25 -24.63
CA ASP B 308 18.36 0.70 -25.81
C ASP B 308 19.82 0.35 -25.49
N ALA B 309 20.32 -0.71 -26.12
CA ALA B 309 21.67 -1.17 -25.80
C ALA B 309 22.74 -0.30 -26.46
N LEU B 310 22.50 0.11 -27.71
CA LEU B 310 23.53 0.78 -28.49
C LEU B 310 23.24 2.25 -28.76
N LYS B 311 22.03 2.73 -28.44
CA LYS B 311 21.68 4.12 -28.71
C LYS B 311 21.30 4.91 -27.46
N ALA B 312 21.05 4.24 -26.33
CA ALA B 312 20.75 4.84 -25.02
C ALA B 312 19.51 5.74 -25.08
N ASP B 313 18.40 5.13 -25.47
CA ASP B 313 17.11 5.81 -25.54
C ASP B 313 16.06 5.00 -24.81
N ARG B 314 15.13 5.72 -24.18
CA ARG B 314 14.04 5.08 -23.46
C ARG B 314 13.00 4.53 -24.43
N ALA B 315 13.09 3.24 -24.75
CA ALA B 315 12.17 2.63 -25.71
C ALA B 315 10.80 2.38 -25.13
N GLY B 316 10.64 2.41 -23.81
CA GLY B 316 9.34 2.18 -23.21
C GLY B 316 9.39 2.36 -21.71
N VAL B 317 8.27 2.02 -21.07
CA VAL B 317 8.16 2.12 -19.62
C VAL B 317 7.25 0.99 -19.13
N LEU B 318 7.58 0.41 -17.98
CA LEU B 318 6.82 -0.68 -17.39
C LEU B 318 6.40 -0.25 -15.99
N ALA B 319 5.28 0.48 -15.92
CA ALA B 319 4.80 1.05 -14.66
C ALA B 319 3.56 0.34 -14.13
N GLY B 320 3.43 -0.96 -14.39
CA GLY B 320 2.26 -1.70 -13.96
C GLY B 320 2.23 -2.00 -12.46
N HIS B 321 3.33 -1.80 -11.75
CA HIS B 321 3.41 -2.06 -10.32
C HIS B 321 3.10 -0.81 -9.52
N ASP B 322 3.02 -0.99 -8.20
CA ASP B 322 2.71 0.11 -7.29
C ASP B 322 3.77 0.35 -6.23
N ASN B 323 4.83 -0.46 -6.18
CA ASN B 323 5.86 -0.32 -5.16
C ASN B 323 7.20 -0.58 -5.84
N ARG B 324 8.26 -0.69 -5.02
CA ARG B 324 9.62 -0.86 -5.54
C ARG B 324 9.80 -2.27 -6.12
N VAL B 325 10.34 -2.34 -7.33
CA VAL B 325 10.69 -3.63 -7.90
C VAL B 325 12.00 -4.12 -7.28
N SER B 326 12.20 -5.43 -7.29
CA SER B 326 13.36 -6.02 -6.66
C SER B 326 14.05 -7.10 -7.50
N CYS B 327 13.40 -7.58 -8.56
CA CYS B 327 13.93 -8.69 -9.34
C CYS B 327 13.30 -8.65 -10.71
N LEU B 328 14.09 -9.01 -11.73
CA LEU B 328 13.64 -8.91 -13.12
C LEU B 328 14.34 -10.02 -13.90
N GLY B 329 13.60 -11.08 -14.21
CA GLY B 329 14.12 -12.16 -15.03
C GLY B 329 13.54 -12.13 -16.43
N VAL B 330 14.32 -12.69 -17.36
CA VAL B 330 13.94 -12.84 -18.75
C VAL B 330 14.06 -14.32 -19.12
N THR B 331 13.06 -14.83 -19.85
CA THR B 331 13.07 -16.22 -20.30
C THR B 331 14.25 -16.49 -21.23
N ASP B 332 14.62 -17.77 -21.32
CA ASP B 332 15.76 -18.20 -22.14
C ASP B 332 15.46 -18.17 -23.63
N ASP B 333 14.20 -17.99 -24.03
CA ASP B 333 13.83 -17.87 -25.43
C ASP B 333 13.20 -16.53 -25.77
N GLY B 334 13.19 -15.58 -24.83
CA GLY B 334 12.59 -14.29 -25.07
C GLY B 334 11.08 -14.28 -25.10
N MET B 335 10.43 -15.14 -24.31
CA MET B 335 8.98 -15.24 -24.37
C MET B 335 8.30 -14.17 -23.54
N ALA B 336 8.65 -14.07 -22.26
CA ALA B 336 7.97 -13.15 -21.36
C ALA B 336 8.96 -12.56 -20.37
N VAL B 337 8.55 -11.47 -19.73
CA VAL B 337 9.31 -10.83 -18.67
C VAL B 337 8.36 -10.60 -17.50
N ALA B 338 8.64 -11.25 -16.38
CA ALA B 338 7.87 -11.08 -15.16
C ALA B 338 8.72 -10.34 -14.13
N THR B 339 8.25 -9.18 -13.71
CA THR B 339 8.94 -8.37 -12.71
C THR B 339 8.28 -8.56 -11.36
N GLY B 340 9.07 -8.85 -10.34
CA GLY B 340 8.55 -9.04 -9.01
C GLY B 340 8.79 -7.83 -8.12
N SER B 341 7.73 -7.11 -7.80
CA SER B 341 7.84 -5.88 -7.03
C SER B 341 7.45 -6.15 -5.57
N TRP B 342 7.45 -5.10 -4.75
CA TRP B 342 7.09 -5.18 -3.35
C TRP B 342 5.59 -4.97 -3.11
N ASP B 343 4.77 -5.13 -4.14
CA ASP B 343 3.33 -5.00 -4.03
C ASP B 343 2.61 -6.34 -3.90
N SER B 344 3.37 -7.44 -3.74
CA SER B 344 2.86 -8.82 -3.70
C SER B 344 2.04 -9.17 -4.94
N PHE B 345 2.53 -8.74 -6.10
CA PHE B 345 1.97 -9.14 -7.38
C PHE B 345 3.10 -9.50 -8.33
N LEU B 346 2.78 -10.28 -9.37
CA LEU B 346 3.72 -10.70 -10.40
C LEU B 346 3.12 -10.35 -11.76
N LYS B 347 3.42 -9.13 -12.23
CA LYS B 347 2.94 -8.70 -13.53
C LYS B 347 3.84 -9.25 -14.62
N ILE B 348 3.28 -10.01 -15.54
CA ILE B 348 4.01 -10.62 -16.65
C ILE B 348 3.83 -9.72 -17.86
N TRP B 349 4.94 -9.28 -18.44
CA TRP B 349 4.94 -8.35 -19.57
C TRP B 349 5.26 -9.09 -20.86
N ASN B 350 4.62 -8.65 -21.94
CA ASN B 350 4.88 -9.17 -23.28
C ASN B 350 4.89 -8.05 -24.31
N THR C 6 50.05 -8.61 12.29
CA THR C 6 49.19 -7.69 11.54
C THR C 6 48.74 -8.31 10.22
N ALA C 7 47.46 -8.19 9.91
CA ALA C 7 46.90 -8.71 8.67
C ALA C 7 46.86 -7.68 7.56
N SER C 8 47.22 -6.42 7.84
CA SER C 8 47.24 -5.39 6.81
C SER C 8 48.32 -5.65 5.77
N ILE C 9 49.48 -6.16 6.19
CA ILE C 9 50.53 -6.51 5.23
C ILE C 9 50.14 -7.73 4.41
N ALA C 10 49.35 -8.64 4.98
CA ALA C 10 48.87 -9.80 4.23
C ALA C 10 47.84 -9.38 3.18
N GLN C 11 46.93 -8.48 3.55
CA GLN C 11 45.98 -7.92 2.59
C GLN C 11 46.70 -7.11 1.51
N ALA C 12 47.80 -6.43 1.89
CA ALA C 12 48.59 -5.68 0.92
C ALA C 12 49.28 -6.61 -0.08
N ARG C 13 49.81 -7.74 0.40
CA ARG C 13 50.45 -8.70 -0.49
C ARG C 13 49.44 -9.38 -1.40
N LYS C 14 48.24 -9.68 -0.89
CA LYS C 14 47.19 -10.21 -1.74
C LYS C 14 46.71 -9.18 -2.77
N LEU C 15 46.74 -7.90 -2.41
CA LEU C 15 46.37 -6.85 -3.35
C LEU C 15 47.43 -6.70 -4.44
N VAL C 16 48.72 -6.85 -4.08
CA VAL C 16 49.80 -6.81 -5.07
C VAL C 16 49.70 -8.00 -6.02
N GLU C 17 49.39 -9.20 -5.48
CA GLU C 17 49.19 -10.37 -6.33
C GLU C 17 47.97 -10.21 -7.24
N GLN C 18 46.91 -9.56 -6.74
CA GLN C 18 45.74 -9.30 -7.57
C GLN C 18 46.06 -8.29 -8.68
N LEU C 19 46.87 -7.28 -8.37
CA LEU C 19 47.26 -6.30 -9.39
C LEU C 19 48.14 -6.93 -10.46
N LYS C 20 49.07 -7.80 -10.07
CA LYS C 20 49.90 -8.48 -11.06
C LYS C 20 49.08 -9.46 -11.89
N MET C 21 48.12 -10.14 -11.26
CA MET C 21 47.26 -11.09 -11.94
C MET C 21 46.30 -10.40 -12.92
N GLU C 22 45.85 -9.19 -12.60
CA GLU C 22 45.04 -8.45 -13.56
C GLU C 22 45.88 -7.68 -14.56
N ALA C 23 47.18 -7.49 -14.31
CA ALA C 23 48.06 -6.85 -15.27
C ALA C 23 48.69 -7.84 -16.24
N ASN C 24 48.63 -9.14 -15.95
CA ASN C 24 49.18 -10.17 -16.84
C ASN C 24 48.17 -10.67 -17.86
N ILE C 25 47.19 -9.87 -18.25
CA ILE C 25 46.19 -10.27 -19.23
C ILE C 25 46.38 -9.46 -20.51
N ASP C 26 45.59 -9.79 -21.52
CA ASP C 26 45.63 -9.11 -22.81
C ASP C 26 44.49 -8.09 -22.91
N ARG C 27 44.56 -7.26 -23.96
CA ARG C 27 43.60 -6.20 -24.19
C ARG C 27 43.13 -6.26 -25.63
N ILE C 28 41.81 -6.32 -25.83
CA ILE C 28 41.21 -6.40 -27.16
C ILE C 28 40.44 -5.11 -27.41
N LYS C 29 40.38 -4.70 -28.68
CA LYS C 29 39.94 -3.37 -29.07
C LYS C 29 38.45 -3.13 -28.77
N VAL C 30 38.16 -1.91 -28.34
CA VAL C 30 36.79 -1.51 -27.99
C VAL C 30 35.93 -1.45 -29.25
N SER C 31 36.50 -1.02 -30.37
CA SER C 31 35.77 -0.99 -31.63
C SER C 31 35.46 -2.41 -32.12
N LYS C 32 36.38 -3.35 -31.89
CA LYS C 32 36.13 -4.74 -32.26
C LYS C 32 35.06 -5.35 -31.35
N ALA C 33 35.07 -4.99 -30.06
CA ALA C 33 34.02 -5.45 -29.16
C ALA C 33 32.66 -4.87 -29.52
N ALA C 34 32.62 -3.61 -29.94
CA ALA C 34 31.36 -3.00 -30.37
C ALA C 34 30.86 -3.60 -31.67
N ALA C 35 31.78 -3.97 -32.57
CA ALA C 35 31.40 -4.67 -33.79
C ALA C 35 30.87 -6.07 -33.49
N ASP C 36 31.44 -6.74 -32.48
CA ASP C 36 30.92 -8.05 -32.07
C ASP C 36 29.54 -7.94 -31.46
N LEU C 37 29.31 -6.89 -30.64
CA LEU C 37 27.98 -6.64 -30.10
C LEU C 37 26.96 -6.31 -31.19
N MET C 38 27.37 -5.52 -32.19
CA MET C 38 26.50 -5.20 -33.32
C MET C 38 26.17 -6.44 -34.14
N ALA C 39 27.16 -7.32 -34.34
CA ALA C 39 26.92 -8.56 -35.07
C ALA C 39 26.00 -9.50 -34.31
N TYR C 40 26.14 -9.57 -32.98
CA TYR C 40 25.26 -10.42 -32.17
C TYR C 40 23.83 -9.89 -32.18
N CYS C 41 23.68 -8.56 -32.11
CA CYS C 41 22.34 -7.96 -32.16
C CYS C 41 21.69 -8.14 -33.52
N GLU C 42 22.46 -7.96 -34.62
CA GLU C 42 21.90 -8.16 -35.95
C GLU C 42 21.63 -9.62 -36.24
N ALA C 43 22.33 -10.54 -35.55
CA ALA C 43 22.07 -11.95 -35.74
C ALA C 43 20.82 -12.39 -34.98
N HIS C 44 20.61 -11.86 -33.77
CA HIS C 44 19.55 -12.37 -32.91
C HIS C 44 18.31 -11.49 -32.82
N ALA C 45 18.29 -10.31 -33.46
CA ALA C 45 17.08 -9.49 -33.46
C ALA C 45 16.00 -10.08 -34.35
N LYS C 46 16.36 -10.91 -35.32
CA LYS C 46 15.36 -11.57 -36.15
C LYS C 46 14.64 -12.67 -35.38
N GLU C 47 15.32 -13.31 -34.44
CA GLU C 47 14.75 -14.39 -33.66
C GLU C 47 14.27 -13.95 -32.28
N ASP C 48 14.52 -12.70 -31.89
CA ASP C 48 14.02 -12.18 -30.61
C ASP C 48 12.51 -11.95 -30.72
N PRO C 49 11.69 -12.60 -29.88
CA PRO C 49 10.24 -12.40 -29.98
C PRO C 49 9.77 -11.05 -29.47
N LEU C 50 10.41 -10.56 -28.40
CA LEU C 50 9.98 -9.30 -27.79
C LEU C 50 10.43 -8.09 -28.58
N LEU C 51 11.51 -8.22 -29.38
CA LEU C 51 11.99 -7.09 -30.17
C LEU C 51 11.09 -6.87 -31.38
N THR C 52 10.91 -7.90 -32.20
CA THR C 52 10.09 -7.81 -33.40
C THR C 52 8.61 -7.82 -33.02
N PRO C 53 7.81 -6.88 -33.54
CA PRO C 53 6.37 -6.92 -33.28
C PRO C 53 5.68 -8.09 -33.97
N VAL C 54 5.25 -9.05 -33.18
CA VAL C 54 4.71 -10.32 -33.70
C VAL C 54 3.25 -10.38 -33.29
N PRO C 55 2.43 -11.13 -34.04
CA PRO C 55 1.05 -11.38 -33.60
C PRO C 55 1.01 -12.26 -32.36
N ALA C 56 -0.12 -12.21 -31.66
CA ALA C 56 -0.31 -12.93 -30.41
C ALA C 56 -0.77 -14.38 -30.61
N SER C 57 -0.66 -14.91 -31.84
CA SER C 57 -1.03 -16.31 -32.05
C SER C 57 0.01 -17.26 -31.47
N GLU C 58 1.30 -16.95 -31.68
CA GLU C 58 2.34 -17.80 -31.12
C GLU C 58 2.54 -17.54 -29.62
N ASN C 59 2.13 -16.38 -29.14
CA ASN C 59 2.27 -16.03 -27.73
C ASN C 59 1.19 -16.76 -26.93
N PRO C 60 1.55 -17.61 -25.96
CA PRO C 60 0.53 -18.30 -25.15
C PRO C 60 -0.17 -17.39 -24.15
N PHE C 61 0.32 -16.18 -23.92
CA PHE C 61 -0.30 -15.24 -22.99
C PHE C 61 -1.44 -14.45 -23.61
N ARG C 62 -1.61 -14.56 -24.94
CA ARG C 62 -2.63 -13.90 -25.80
C ARG C 62 -3.03 -12.47 -25.42
N GLN D 1 35.89 2.97 -8.91
CA GLN D 1 36.76 3.25 -7.76
C GLN D 1 36.62 4.70 -7.33
N VAL D 2 36.45 4.90 -6.02
CA VAL D 2 36.37 6.23 -5.43
C VAL D 2 37.69 6.47 -4.70
N GLN D 3 38.60 7.19 -5.34
CA GLN D 3 39.87 7.53 -4.70
C GLN D 3 39.67 8.67 -3.72
N LEU D 4 40.34 8.56 -2.57
CA LEU D 4 40.18 9.51 -1.48
C LEU D 4 41.55 9.80 -0.87
N GLN D 5 41.93 11.07 -0.86
CA GLN D 5 43.19 11.51 -0.28
C GLN D 5 42.92 12.63 0.71
N GLU D 6 43.76 12.70 1.74
CA GLU D 6 43.63 13.69 2.80
C GLU D 6 44.87 14.59 2.82
N SER D 7 44.91 15.49 3.79
CA SER D 7 46.02 16.41 3.95
C SER D 7 46.34 16.59 5.43
N GLY D 8 47.54 17.10 5.71
CA GLY D 8 47.96 17.34 7.07
C GLY D 8 48.67 16.16 7.69
N GLY D 9 48.65 16.08 9.02
CA GLY D 9 49.28 15.01 9.75
C GLY D 9 50.50 15.48 10.53
N GLY D 10 51.17 14.51 11.13
CA GLY D 10 52.38 14.80 11.90
C GLY D 10 52.08 15.24 13.32
N LEU D 11 53.17 15.49 14.04
CA LEU D 11 53.08 15.93 15.44
C LEU D 11 52.74 17.42 15.48
N VAL D 12 51.67 17.76 16.20
CA VAL D 12 51.25 19.15 16.36
C VAL D 12 50.99 19.39 17.84
N GLN D 13 51.28 20.63 18.28
CA GLN D 13 51.06 20.99 19.67
C GLN D 13 49.56 21.15 19.94
N PRO D 14 49.11 20.84 21.17
CA PRO D 14 47.69 21.04 21.52
C PRO D 14 47.29 22.51 21.55
N GLY D 15 46.41 22.91 20.63
CA GLY D 15 45.96 24.29 20.54
C GLY D 15 46.19 24.94 19.20
N GLY D 16 47.06 24.38 18.35
CA GLY D 16 47.31 24.97 17.05
C GLY D 16 46.36 24.43 16.01
N SER D 17 45.77 25.33 15.23
CA SER D 17 44.82 24.93 14.20
C SER D 17 45.55 24.33 13.01
N LEU D 18 44.83 23.47 12.27
CA LEU D 18 45.39 22.80 11.12
C LEU D 18 44.27 22.44 10.16
N ARG D 19 44.47 22.71 8.87
CA ARG D 19 43.47 22.41 7.87
C ARG D 19 43.45 20.92 7.55
N LEU D 20 42.30 20.45 7.07
CA LEU D 20 42.12 19.05 6.65
C LEU D 20 41.35 19.07 5.34
N SER D 21 42.07 19.07 4.23
CA SER D 21 41.47 19.05 2.91
C SER D 21 41.36 17.62 2.40
N CYS D 22 40.16 17.23 1.98
CA CYS D 22 39.90 15.89 1.47
C CYS D 22 39.97 15.94 -0.06
N ALA D 23 41.13 15.56 -0.60
CA ALA D 23 41.32 15.53 -2.05
C ALA D 23 40.57 14.34 -2.63
N ALA D 24 39.38 14.61 -3.18
CA ALA D 24 38.53 13.58 -3.72
C ALA D 24 38.23 13.86 -5.20
N SER D 25 38.20 12.80 -6.00
CA SER D 25 37.91 12.92 -7.42
C SER D 25 37.30 11.60 -7.89
N GLY D 26 36.94 11.55 -9.17
CA GLY D 26 36.35 10.37 -9.76
C GLY D 26 34.86 10.22 -9.58
N PHE D 27 34.19 11.19 -8.96
CA PHE D 27 32.76 11.11 -8.73
C PHE D 27 32.17 12.51 -8.69
N THR D 28 30.85 12.57 -8.87
CA THR D 28 30.13 13.84 -8.80
C THR D 28 30.05 14.29 -7.35
N PHE D 29 30.70 15.42 -7.04
CA PHE D 29 30.79 15.87 -5.66
C PHE D 29 29.47 16.44 -5.15
N SER D 30 28.61 16.95 -6.03
CA SER D 30 27.39 17.61 -5.63
C SER D 30 26.20 16.66 -5.43
N ASN D 31 26.45 15.35 -5.33
CA ASN D 31 25.37 14.38 -5.23
C ASN D 31 25.55 13.41 -4.05
N TYR D 32 26.46 13.72 -3.13
CA TYR D 32 26.73 12.83 -2.01
C TYR D 32 26.92 13.63 -0.73
N LYS D 33 26.48 13.05 0.38
CA LYS D 33 26.63 13.66 1.71
C LYS D 33 27.84 13.04 2.40
N MET D 34 29.00 13.64 2.16
CA MET D 34 30.24 13.13 2.73
C MET D 34 30.37 13.53 4.19
N ASN D 35 31.24 12.81 4.90
CA ASN D 35 31.37 12.96 6.34
C ASN D 35 32.79 12.59 6.77
N TRP D 36 33.05 12.73 8.08
CA TRP D 36 34.34 12.40 8.67
C TRP D 36 34.14 11.33 9.74
N VAL D 37 35.03 10.33 9.75
CA VAL D 37 35.02 9.27 10.75
C VAL D 37 36.43 9.16 11.32
N ARG D 38 36.55 9.26 12.63
CA ARG D 38 37.85 9.13 13.30
C ARG D 38 37.95 7.79 14.02
N GLN D 39 39.19 7.34 14.21
CA GLN D 39 39.47 6.05 14.84
C GLN D 39 40.58 6.26 15.88
N ALA D 40 40.19 6.32 17.15
CA ALA D 40 41.16 6.50 18.22
C ALA D 40 41.88 5.18 18.52
N PRO D 41 43.14 5.24 18.97
CA PRO D 41 43.83 4.02 19.41
C PRO D 41 43.20 3.47 20.68
N GLY D 42 42.68 2.25 20.58
CA GLY D 42 41.96 1.65 21.70
C GLY D 42 40.49 1.98 21.75
N LYS D 43 39.91 2.40 20.62
CA LYS D 43 38.51 2.80 20.56
C LYS D 43 38.01 2.57 19.15
N GLY D 44 36.75 2.16 19.04
CA GLY D 44 36.15 1.92 17.74
C GLY D 44 35.91 3.19 16.95
N LEU D 45 35.46 3.00 15.71
CA LEU D 45 35.22 4.11 14.81
C LEU D 45 33.98 4.88 15.22
N GLU D 46 34.06 6.21 15.14
CA GLU D 46 32.95 7.06 15.56
C GLU D 46 32.79 8.21 14.57
N TRP D 47 31.57 8.70 14.46
CA TRP D 47 31.25 9.77 13.52
C TRP D 47 31.68 11.13 14.07
N VAL D 48 32.13 12.01 13.18
CA VAL D 48 32.62 13.32 13.58
C VAL D 48 31.62 14.42 13.24
N SER D 49 31.36 14.62 11.95
CA SER D 49 30.49 15.69 11.47
C SER D 49 30.05 15.35 10.05
N ASP D 50 29.25 16.23 9.46
CA ASP D 50 28.79 16.04 8.08
C ASP D 50 28.45 17.38 7.45
N ILE D 51 28.17 17.33 6.15
CA ILE D 51 27.60 18.45 5.41
C ILE D 51 26.82 17.87 4.24
N SER D 52 25.67 18.47 3.93
CA SER D 52 24.75 17.91 2.95
C SER D 52 25.18 18.28 1.54
N GLN D 53 24.34 17.98 0.55
CA GLN D 53 24.65 18.31 -0.83
C GLN D 53 24.56 19.81 -1.09
N SER D 54 23.56 20.47 -0.49
CA SER D 54 23.47 21.93 -0.61
C SER D 54 24.47 22.60 0.33
N GLY D 55 24.45 22.23 1.60
CA GLY D 55 25.36 22.80 2.57
C GLY D 55 24.65 23.33 3.81
N ALA D 56 23.37 23.00 3.95
CA ALA D 56 22.56 23.47 5.06
C ALA D 56 22.53 22.50 6.23
N SER D 57 22.35 21.20 5.96
CA SER D 57 22.29 20.20 7.02
C SER D 57 23.67 19.89 7.56
N ILE D 58 24.10 20.64 8.57
CA ILE D 58 25.40 20.47 9.20
C ILE D 58 25.20 20.08 10.65
N SER D 59 25.72 18.92 11.04
CA SER D 59 25.62 18.42 12.39
C SER D 59 27.02 18.13 12.92
N TYR D 60 27.10 17.86 14.22
CA TYR D 60 28.37 17.61 14.89
C TYR D 60 28.19 16.57 15.98
N THR D 61 29.30 15.93 16.35
CA THR D 61 29.32 15.05 17.50
C THR D 61 29.17 15.89 18.77
N GLY D 62 28.40 15.36 19.73
CA GLY D 62 28.02 16.06 20.96
C GLY D 62 29.17 16.53 21.83
N SER D 63 30.36 15.97 21.67
CA SER D 63 31.53 16.39 22.44
C SER D 63 32.32 17.50 21.77
N VAL D 64 32.16 17.69 20.46
CA VAL D 64 32.94 18.70 19.73
C VAL D 64 32.01 19.75 19.13
N LYS D 65 30.90 20.03 19.82
CA LYS D 65 29.91 21.00 19.36
C LYS D 65 30.47 22.42 19.32
N GLY D 66 30.58 22.98 18.10
CA GLY D 66 31.04 24.34 17.92
C GLY D 66 32.53 24.52 17.77
N ARG D 67 33.34 23.58 18.26
CA ARG D 67 34.79 23.73 18.19
C ARG D 67 35.36 23.31 16.84
N PHE D 68 34.61 22.56 16.04
CA PHE D 68 35.05 22.15 14.71
C PHE D 68 34.21 22.85 13.65
N THR D 69 34.78 22.97 12.46
CA THR D 69 34.15 23.67 11.34
C THR D 69 34.34 22.84 10.08
N ILE D 70 33.23 22.45 9.46
CA ILE D 70 33.25 21.67 8.23
C ILE D 70 32.73 22.53 7.08
N SER D 71 33.35 22.38 5.92
CA SER D 71 32.97 23.13 4.73
C SER D 71 33.34 22.33 3.50
N ARG D 72 32.53 22.44 2.44
CA ARG D 72 32.76 21.73 1.20
C ARG D 72 32.93 22.71 0.05
N ASP D 73 33.75 22.33 -0.93
CA ASP D 73 33.96 23.12 -2.13
C ASP D 73 33.31 22.38 -3.30
N ASN D 74 32.21 22.94 -3.81
CA ASN D 74 31.46 22.27 -4.86
C ASN D 74 32.16 22.37 -6.21
N ALA D 75 32.88 23.47 -6.45
CA ALA D 75 33.53 23.65 -7.74
C ALA D 75 34.79 22.79 -7.85
N LYS D 76 35.64 22.82 -6.83
CA LYS D 76 36.91 22.10 -6.84
C LYS D 76 36.85 20.81 -6.03
N ASN D 77 35.65 20.18 -5.96
CA ASN D 77 35.31 18.84 -5.48
C ASN D 77 36.09 18.31 -4.28
N THR D 78 36.32 19.17 -3.28
CA THR D 78 37.07 18.79 -2.09
C THR D 78 36.27 19.16 -0.85
N LEU D 79 36.64 18.55 0.27
CA LEU D 79 36.00 18.75 1.56
C LEU D 79 37.02 19.35 2.52
N TYR D 80 36.72 20.54 3.05
CA TYR D 80 37.66 21.32 3.84
C TYR D 80 37.21 21.31 5.30
N LEU D 81 37.87 20.49 6.11
CA LEU D 81 37.61 20.44 7.55
C LEU D 81 38.65 21.26 8.29
N GLN D 82 38.19 22.05 9.27
CA GLN D 82 39.06 22.95 10.03
C GLN D 82 38.97 22.59 11.50
N MET D 83 40.11 22.24 12.09
CA MET D 83 40.19 21.92 13.51
C MET D 83 40.56 23.16 14.31
N ASN D 84 39.78 23.42 15.36
CA ASN D 84 40.02 24.55 16.25
C ASN D 84 39.85 24.10 17.69
N SER D 85 40.66 24.68 18.58
CA SER D 85 40.70 24.38 20.01
C SER D 85 40.96 22.89 20.27
N LEU D 86 42.15 22.47 19.86
CA LEU D 86 42.54 21.07 19.88
C LEU D 86 42.70 20.56 21.31
N LYS D 87 42.59 19.25 21.45
CA LYS D 87 42.64 18.57 22.74
C LYS D 87 43.45 17.29 22.54
N PRO D 88 44.35 16.95 23.48
CA PRO D 88 45.23 15.79 23.28
C PRO D 88 44.51 14.44 23.26
N GLU D 89 43.29 14.34 23.78
CA GLU D 89 42.56 13.08 23.70
C GLU D 89 41.76 12.96 22.40
N ASP D 90 41.65 14.03 21.62
CA ASP D 90 40.87 14.01 20.39
C ASP D 90 41.67 13.57 19.17
N THR D 91 42.93 13.20 19.33
CA THR D 91 43.72 12.75 18.19
C THR D 91 43.33 11.33 17.80
N ALA D 92 43.29 11.09 16.50
CA ALA D 92 42.82 9.85 15.90
C ALA D 92 43.25 9.84 14.44
N VAL D 93 42.80 8.82 13.70
CA VAL D 93 43.00 8.74 12.26
C VAL D 93 41.72 9.26 11.60
N TYR D 94 41.78 10.45 11.02
CA TYR D 94 40.62 11.10 10.45
C TYR D 94 40.40 10.57 9.04
N TYR D 95 39.45 9.65 8.91
CA TYR D 95 39.10 9.07 7.62
C TYR D 95 38.07 9.96 6.93
N CYS D 96 38.37 10.39 5.70
CA CYS D 96 37.38 11.08 4.89
C CYS D 96 36.47 10.05 4.24
N ALA D 97 35.21 10.01 4.68
CA ALA D 97 34.28 8.98 4.26
C ALA D 97 33.12 9.59 3.48
N ARG D 98 32.37 8.73 2.81
CA ARG D 98 31.22 9.13 2.00
C ARG D 98 30.06 8.19 2.25
N CYS D 99 28.87 8.76 2.43
CA CYS D 99 27.66 7.97 2.55
C CYS D 99 27.31 7.37 1.19
N PRO D 100 26.81 6.13 1.16
CA PRO D 100 26.82 5.38 -0.12
C PRO D 100 25.74 5.80 -1.11
N ALA D 101 24.55 6.15 -0.66
CA ALA D 101 23.49 6.35 -1.63
C ALA D 101 23.25 7.83 -1.91
N PRO D 102 22.92 8.19 -3.15
CA PRO D 102 22.65 9.59 -3.47
C PRO D 102 21.25 10.03 -3.04
N PHE D 103 21.13 11.34 -2.77
CA PHE D 103 19.85 12.04 -2.57
C PHE D 103 19.07 11.49 -1.38
N THR D 104 19.79 11.18 -0.30
CA THR D 104 19.17 10.60 0.90
C THR D 104 19.98 11.06 2.10
N ARG D 105 19.73 10.44 3.25
CA ARG D 105 20.36 10.88 4.49
C ARG D 105 20.90 9.74 5.34
N ASP D 106 20.50 8.48 5.06
CA ASP D 106 20.96 7.35 5.84
C ASP D 106 22.43 7.03 5.55
N CYS D 107 23.18 6.74 6.62
CA CYS D 107 24.61 6.54 6.51
C CYS D 107 25.00 5.39 7.43
N PHE D 108 25.82 4.48 6.94
CA PHE D 108 26.24 3.29 7.68
C PHE D 108 27.76 3.11 7.58
N ASP D 109 28.50 4.19 7.81
CA ASP D 109 29.96 4.16 7.75
C ASP D 109 30.62 4.05 9.11
N VAL D 110 29.85 3.98 10.19
CA VAL D 110 30.42 3.87 11.53
C VAL D 110 30.85 2.43 11.82
N THR D 111 30.43 1.47 11.01
CA THR D 111 30.76 0.06 11.24
C THR D 111 32.22 -0.20 10.91
N SER D 112 32.92 -0.85 11.84
CA SER D 112 34.36 -1.05 11.71
C SER D 112 34.73 -2.28 10.90
N THR D 113 33.76 -2.98 10.30
CA THR D 113 34.04 -4.19 9.53
C THR D 113 34.29 -3.88 8.06
N THR D 114 35.28 -3.01 7.85
CA THR D 114 35.83 -2.64 6.54
C THR D 114 34.76 -2.06 5.61
N TYR D 115 34.26 -0.88 6.00
CA TYR D 115 33.46 -0.09 5.07
C TYR D 115 34.37 0.52 4.03
N ALA D 116 34.25 0.07 2.78
CA ALA D 116 35.26 0.31 1.75
C ALA D 116 35.04 1.59 0.97
N TYR D 117 34.35 2.58 1.54
CA TYR D 117 34.25 3.90 0.93
C TYR D 117 34.82 4.99 1.84
N ARG D 118 35.60 4.62 2.84
CA ARG D 118 36.31 5.59 3.66
C ARG D 118 37.66 5.92 3.03
N GLY D 119 38.28 6.98 3.52
CA GLY D 119 39.57 7.41 3.02
C GLY D 119 40.70 6.52 3.50
N GLN D 120 41.91 6.86 3.04
CA GLN D 120 43.10 6.12 3.46
C GLN D 120 43.59 6.56 4.84
N GLY D 121 43.19 7.75 5.30
CA GLY D 121 43.43 8.16 6.67
C GLY D 121 44.81 8.74 6.93
N THR D 122 44.86 9.85 7.66
CA THR D 122 46.10 10.49 8.07
C THR D 122 46.08 10.70 9.57
N GLN D 123 47.11 10.21 10.26
CA GLN D 123 47.23 10.41 11.69
C GLN D 123 47.68 11.84 11.99
N VAL D 124 46.84 12.58 12.71
CA VAL D 124 47.19 13.91 13.20
C VAL D 124 47.40 13.78 14.70
N THR D 125 48.66 13.75 15.12
CA THR D 125 49.03 13.52 16.52
C THR D 125 49.00 14.84 17.27
N VAL D 126 48.08 14.96 18.22
CA VAL D 126 47.95 16.17 19.02
C VAL D 126 48.60 15.98 20.38
N VAL E 39 -53.15 17.74 8.93
CA VAL E 39 -54.31 17.69 8.05
C VAL E 39 -53.92 18.16 6.65
N SER E 40 -53.95 17.25 5.69
CA SER E 40 -53.58 17.58 4.32
C SER E 40 -54.38 16.69 3.36
N LEU E 41 -53.96 16.67 2.09
CA LEU E 41 -54.71 15.95 1.07
C LEU E 41 -54.60 14.44 1.23
N TRP E 42 -53.53 13.96 1.87
CA TRP E 42 -53.39 12.54 2.17
C TRP E 42 -54.47 12.07 3.13
N GLU E 43 -54.64 12.78 4.25
CA GLU E 43 -55.70 12.46 5.20
C GLU E 43 -57.08 12.77 4.61
N THR E 44 -57.15 13.72 3.68
CA THR E 44 -58.41 14.00 2.98
C THR E 44 -58.84 12.80 2.14
N VAL E 45 -57.90 12.20 1.39
CA VAL E 45 -58.23 11.03 0.58
C VAL E 45 -58.46 9.79 1.47
N GLN E 46 -57.79 9.71 2.62
CA GLN E 46 -58.06 8.61 3.56
C GLN E 46 -59.47 8.71 4.15
N LYS E 47 -59.89 9.91 4.52
CA LYS E 47 -61.27 10.10 4.99
C LYS E 47 -62.27 9.93 3.86
N TRP E 48 -61.86 10.23 2.62
CA TRP E 48 -62.71 9.95 1.46
C TRP E 48 -62.89 8.45 1.25
N ARG E 49 -61.83 7.67 1.48
CA ARG E 49 -61.95 6.21 1.33
C ARG E 49 -62.79 5.63 2.46
N GLU E 50 -62.69 6.20 3.66
CA GLU E 50 -63.56 5.78 4.76
C GLU E 50 -65.03 6.12 4.47
N TYR E 51 -65.28 7.30 3.91
CA TYR E 51 -66.65 7.65 3.51
C TYR E 51 -67.12 6.82 2.32
N ARG E 52 -66.19 6.36 1.49
CA ARG E 52 -66.55 5.46 0.39
C ARG E 52 -66.97 4.09 0.92
N ARG E 53 -66.27 3.61 1.96
CA ARG E 53 -66.68 2.36 2.60
C ARG E 53 -68.03 2.52 3.29
N GLN E 54 -68.26 3.68 3.91
CA GLN E 54 -69.57 3.96 4.52
C GLN E 54 -70.67 4.06 3.46
N CYS E 55 -70.34 4.59 2.27
CA CYS E 55 -71.33 4.64 1.19
C CYS E 55 -71.58 3.26 0.59
N GLN E 56 -70.57 2.39 0.59
CA GLN E 56 -70.80 1.00 0.20
C GLN E 56 -71.71 0.29 1.19
N ARG E 57 -71.55 0.60 2.49
CA ARG E 57 -72.48 0.08 3.50
C ARG E 57 -73.88 0.62 3.30
N SER E 58 -74.00 1.91 2.93
CA SER E 58 -75.30 2.52 2.70
C SER E 58 -75.99 1.95 1.45
N LEU E 59 -75.21 1.69 0.39
CA LEU E 59 -75.76 1.06 -0.80
C LEU E 59 -76.06 -0.41 -0.58
N THR E 60 -75.40 -1.05 0.39
CA THR E 60 -75.82 -2.38 0.81
C THR E 60 -77.17 -2.30 1.53
N GLU E 61 -77.34 -1.31 2.41
CA GLU E 61 -78.59 -1.10 3.12
C GLU E 61 -79.10 0.32 2.81
N ASP E 62 -79.81 0.46 1.69
CA ASP E 62 -80.56 1.66 1.34
C ASP E 62 -81.96 1.29 0.84
N PRO E 63 -82.98 1.36 1.69
CA PRO E 63 -84.33 0.96 1.28
C PRO E 63 -84.99 2.05 0.44
N PRO E 64 -85.53 1.69 -0.72
CA PRO E 64 -86.28 2.67 -1.52
C PRO E 64 -87.66 2.91 -0.92
N PRO E 65 -88.32 4.01 -1.30
CA PRO E 65 -89.71 4.22 -0.87
C PRO E 65 -90.67 3.29 -1.59
N ALA E 66 -91.94 3.37 -1.18
CA ALA E 66 -92.99 2.52 -1.73
C ALA E 66 -93.66 3.16 -2.94
N THR E 67 -92.86 3.59 -3.91
CA THR E 67 -93.34 4.16 -5.16
C THR E 67 -92.29 3.88 -6.22
N ASP E 68 -92.70 3.30 -7.35
CA ASP E 68 -91.77 2.86 -8.38
C ASP E 68 -91.11 4.02 -9.12
N LEU E 69 -91.76 5.19 -9.18
CA LEU E 69 -91.20 6.35 -9.88
C LEU E 69 -90.38 7.16 -8.88
N PHE E 70 -89.07 6.93 -8.89
CA PHE E 70 -88.15 7.60 -8.00
C PHE E 70 -86.76 7.65 -8.62
N CYS E 71 -85.98 8.62 -8.17
CA CYS E 71 -84.57 8.68 -8.55
C CYS E 71 -83.80 7.55 -7.86
N ASN E 72 -83.16 6.70 -8.66
CA ASN E 72 -82.53 5.48 -8.14
C ASN E 72 -81.26 5.81 -7.37
N ARG E 73 -80.62 4.75 -6.86
CA ARG E 73 -79.38 4.89 -6.12
C ARG E 73 -78.25 5.28 -7.06
N THR E 74 -77.34 6.13 -6.58
CA THR E 74 -76.26 6.63 -7.39
C THR E 74 -75.12 7.09 -6.49
N PHE E 75 -73.92 7.19 -7.07
CA PHE E 75 -72.73 7.68 -6.38
C PHE E 75 -71.78 8.22 -7.43
N ASP E 76 -71.71 9.55 -7.55
CA ASP E 76 -70.87 10.23 -8.52
C ASP E 76 -69.50 10.59 -7.95
N GLU E 77 -69.01 9.80 -6.98
CA GLU E 77 -67.68 9.87 -6.37
C GLU E 77 -67.42 11.17 -5.63
N TYR E 78 -68.45 11.93 -5.28
CA TYR E 78 -68.29 13.14 -4.47
C TYR E 78 -69.28 13.17 -3.32
N ALA E 79 -70.43 12.52 -3.50
CA ALA E 79 -71.48 12.52 -2.48
C ALA E 79 -72.29 11.25 -2.63
N CYS E 80 -72.70 10.69 -1.50
CA CYS E 80 -73.44 9.42 -1.48
C CYS E 80 -74.93 9.72 -1.44
N TRP E 81 -75.50 9.88 -2.63
CA TRP E 81 -76.90 10.27 -2.74
C TRP E 81 -77.82 9.07 -2.50
N PRO E 82 -78.76 9.16 -1.56
CA PRO E 82 -79.71 8.05 -1.36
C PRO E 82 -80.84 8.06 -2.37
N ASP E 83 -81.81 7.17 -2.19
CA ASP E 83 -82.98 7.12 -3.06
C ASP E 83 -83.87 8.34 -2.85
N GLY E 84 -83.93 9.21 -3.85
CA GLY E 84 -84.66 10.46 -3.74
C GLY E 84 -86.05 10.41 -4.34
N GLU E 85 -86.85 11.40 -3.98
CA GLU E 85 -88.24 11.67 -4.35
C GLU E 85 -88.31 12.79 -5.38
N PRO E 86 -89.13 12.65 -6.42
CA PRO E 86 -89.28 13.73 -7.39
C PRO E 86 -89.95 14.96 -6.80
N GLY E 87 -89.44 16.13 -7.15
CA GLY E 87 -89.96 17.37 -6.60
C GLY E 87 -89.45 17.72 -5.22
N SER E 88 -88.41 17.04 -4.74
CA SER E 88 -87.87 17.25 -3.41
C SER E 88 -86.43 17.72 -3.53
N PHE E 89 -86.14 18.89 -2.99
CA PHE E 89 -84.77 19.43 -2.95
C PHE E 89 -84.03 18.72 -1.83
N VAL E 90 -83.27 17.69 -2.21
CA VAL E 90 -82.53 16.87 -1.24
C VAL E 90 -81.34 17.66 -0.74
N ASN E 91 -81.48 18.26 0.44
CA ASN E 91 -80.45 19.13 1.01
C ASN E 91 -79.59 18.38 2.02
N VAL E 92 -78.87 17.38 1.52
CA VAL E 92 -77.91 16.68 2.36
C VAL E 92 -76.64 17.53 2.50
N SER E 93 -75.97 17.38 3.64
CA SER E 93 -74.79 18.17 3.91
C SER E 93 -73.59 17.61 3.14
N CYS E 94 -72.56 18.46 3.00
CA CYS E 94 -71.32 18.00 2.42
C CYS E 94 -70.60 17.07 3.40
N PRO E 95 -70.05 15.95 2.93
CA PRO E 95 -69.51 14.94 3.84
C PRO E 95 -68.22 15.39 4.51
N TRP E 96 -67.86 14.68 5.58
CA TRP E 96 -66.84 15.10 6.52
C TRP E 96 -65.41 14.83 6.05
N TYR E 97 -65.20 14.39 4.82
CA TYR E 97 -63.85 14.16 4.33
C TYR E 97 -63.20 15.42 3.77
N LEU E 98 -63.97 16.46 3.50
CA LEU E 98 -63.44 17.68 2.91
C LEU E 98 -62.67 18.49 3.95
N PRO E 99 -61.63 19.22 3.52
CA PRO E 99 -60.89 20.09 4.46
C PRO E 99 -61.67 21.32 4.89
N TRP E 100 -62.78 21.65 4.23
CA TRP E 100 -63.56 22.81 4.61
C TRP E 100 -64.95 22.47 5.14
N ALA E 101 -65.39 21.22 5.03
CA ALA E 101 -66.69 20.84 5.59
C ALA E 101 -66.67 20.81 7.10
N SER E 102 -65.50 20.53 7.70
CA SER E 102 -65.36 20.65 9.14
C SER E 102 -65.35 22.12 9.58
N SER E 103 -64.91 23.02 8.68
CA SER E 103 -64.96 24.44 8.98
C SER E 103 -66.40 24.96 8.92
N VAL E 104 -67.08 24.73 7.80
CA VAL E 104 -68.48 25.11 7.68
C VAL E 104 -69.35 23.85 7.50
N PRO E 105 -69.96 23.35 8.56
CA PRO E 105 -70.81 22.15 8.45
C PRO E 105 -72.25 22.41 8.01
N GLN E 106 -72.59 23.65 7.65
CA GLN E 106 -73.95 23.98 7.25
C GLN E 106 -74.12 24.03 5.73
N GLY E 107 -73.14 23.58 4.97
CA GLY E 107 -73.25 23.54 3.53
C GLY E 107 -74.09 22.37 3.04
N HIS E 108 -75.32 22.64 2.61
CA HIS E 108 -76.26 21.61 2.17
C HIS E 108 -76.28 21.61 0.65
N VAL E 109 -75.73 20.55 0.05
CA VAL E 109 -75.66 20.46 -1.39
C VAL E 109 -77.03 20.09 -1.94
N TYR E 110 -77.34 20.58 -3.14
CA TYR E 110 -78.64 20.38 -3.76
C TYR E 110 -78.52 19.61 -5.08
N ARG E 111 -79.51 18.76 -5.33
CA ARG E 111 -79.67 18.10 -6.62
C ARG E 111 -81.14 17.79 -6.81
N PHE E 112 -81.75 18.30 -7.87
CA PHE E 112 -83.17 18.12 -8.10
C PHE E 112 -83.45 16.79 -8.76
N CYS E 113 -84.55 16.16 -8.35
CA CYS E 113 -85.03 14.90 -8.91
C CYS E 113 -86.24 15.18 -9.78
N THR E 114 -86.12 14.87 -11.07
CA THR E 114 -87.21 15.10 -12.00
C THR E 114 -88.28 14.02 -11.84
N ALA E 115 -89.41 14.23 -12.52
CA ALA E 115 -90.57 13.35 -12.44
C ALA E 115 -90.52 12.18 -13.40
N GLU E 116 -89.33 11.81 -13.89
CA GLU E 116 -89.18 10.66 -14.78
C GLU E 116 -88.20 9.63 -14.24
N GLY E 117 -87.85 9.70 -12.95
CA GLY E 117 -86.92 8.78 -12.35
C GLY E 117 -85.46 9.16 -12.47
N LEU E 118 -85.14 10.24 -13.15
CA LEU E 118 -83.78 10.71 -13.32
C LEU E 118 -83.59 12.05 -12.62
N TRP E 119 -82.34 12.36 -12.27
CA TRP E 119 -82.03 13.62 -11.63
C TRP E 119 -82.03 14.75 -12.67
N LEU E 120 -81.99 15.98 -12.17
CA LEU E 120 -81.94 17.14 -13.06
C LEU E 120 -80.55 17.25 -13.68
N GLN E 121 -80.49 17.31 -15.00
CA GLN E 121 -79.23 17.27 -15.73
C GLN E 121 -78.89 18.57 -16.45
N LYS E 122 -79.90 19.27 -16.99
CA LYS E 122 -79.88 20.57 -17.66
C LYS E 122 -79.26 20.50 -19.06
N ASP E 123 -78.64 19.38 -19.40
CA ASP E 123 -78.04 19.11 -20.71
C ASP E 123 -77.69 17.63 -20.77
N ASN E 124 -77.24 17.19 -21.94
CA ASN E 124 -76.76 15.82 -22.12
C ASN E 124 -75.24 15.76 -22.22
N SER E 125 -74.56 16.91 -22.30
CA SER E 125 -73.11 16.90 -22.41
C SER E 125 -72.45 16.77 -21.04
N SER E 126 -73.01 17.43 -20.03
CA SER E 126 -72.42 17.44 -18.70
C SER E 126 -73.01 16.32 -17.85
N LEU E 127 -72.70 16.35 -16.55
CA LEU E 127 -73.21 15.41 -15.55
C LEU E 127 -74.62 15.85 -15.14
N PRO E 128 -75.37 15.04 -14.35
CA PRO E 128 -76.57 15.58 -13.68
C PRO E 128 -76.24 16.77 -12.78
N TRP E 129 -77.05 17.82 -12.90
CA TRP E 129 -76.73 19.11 -12.29
C TRP E 129 -76.82 19.05 -10.77
N ARG E 130 -75.88 19.72 -10.11
CA ARG E 130 -75.76 19.66 -8.66
C ARG E 130 -75.25 21.01 -8.16
N ASP E 131 -76.02 21.64 -7.27
CA ASP E 131 -75.63 22.93 -6.73
C ASP E 131 -74.57 22.73 -5.65
N LEU E 132 -73.31 22.61 -6.07
CA LEU E 132 -72.18 22.42 -5.17
C LEU E 132 -71.46 23.73 -4.84
N SER E 133 -72.11 24.88 -5.07
CA SER E 133 -71.47 26.16 -4.83
C SER E 133 -71.38 26.54 -3.36
N GLU E 134 -72.09 25.83 -2.47
CA GLU E 134 -72.05 26.16 -1.05
C GLU E 134 -70.88 25.52 -0.32
N CYS E 135 -70.15 24.61 -0.95
CA CYS E 135 -68.99 23.96 -0.33
C CYS E 135 -67.77 24.18 -1.24
N GLU E 136 -67.12 25.32 -1.08
CA GLU E 136 -65.85 25.59 -1.76
C GLU E 136 -64.70 25.86 -0.80
N GLU E 137 -64.90 26.75 0.17
CA GLU E 137 -63.88 27.06 1.16
C GLU E 137 -64.49 27.12 2.55
N PRO E 146 -48.49 24.45 1.94
CA PRO E 146 -48.20 23.12 2.47
C PRO E 146 -47.85 22.11 1.38
N GLU E 147 -48.59 22.17 0.27
CA GLU E 147 -48.33 21.24 -0.84
C GLU E 147 -47.09 21.67 -1.61
N GLU E 148 -46.90 22.98 -1.78
CA GLU E 148 -45.74 23.49 -2.51
C GLU E 148 -44.44 23.27 -1.77
N GLN E 149 -44.45 23.38 -0.43
CA GLN E 149 -43.27 23.04 0.36
C GLN E 149 -42.96 21.55 0.28
N LEU E 150 -44.01 20.71 0.25
CA LEU E 150 -43.82 19.28 0.06
C LEU E 150 -43.22 18.95 -1.29
N LEU E 151 -43.66 19.66 -2.35
CA LEU E 151 -43.09 19.44 -3.67
C LEU E 151 -41.65 19.94 -3.74
N PHE E 152 -41.33 21.03 -3.03
CA PHE E 152 -39.96 21.52 -2.97
C PHE E 152 -39.05 20.54 -2.24
N LEU E 153 -39.54 19.95 -1.15
CA LEU E 153 -38.80 18.90 -0.46
C LEU E 153 -38.59 17.68 -1.36
N TYR E 154 -39.64 17.30 -2.10
CA TYR E 154 -39.57 16.19 -3.05
C TYR E 154 -38.51 16.43 -4.13
N ILE E 155 -38.46 17.65 -4.66
CA ILE E 155 -37.46 18.01 -5.66
C ILE E 155 -36.06 17.97 -5.08
N ILE E 156 -35.86 18.49 -3.86
CA ILE E 156 -34.49 18.58 -3.35
C ILE E 156 -33.98 17.20 -2.92
N TYR E 157 -34.84 16.31 -2.40
CA TYR E 157 -34.28 14.98 -2.15
C TYR E 157 -34.20 14.14 -3.42
N THR E 158 -34.99 14.46 -4.46
CA THR E 158 -34.80 13.80 -5.75
C THR E 158 -33.44 14.15 -6.35
N VAL E 159 -33.07 15.43 -6.29
CA VAL E 159 -31.75 15.87 -6.75
C VAL E 159 -30.65 15.28 -5.87
N GLY E 160 -30.88 15.18 -4.57
CA GLY E 160 -29.89 14.61 -3.68
C GLY E 160 -29.63 13.13 -3.93
N TYR E 161 -30.70 12.33 -4.07
CA TYR E 161 -30.53 10.91 -4.39
C TYR E 161 -29.97 10.71 -5.79
N ALA E 162 -30.33 11.57 -6.76
CA ALA E 162 -29.78 11.40 -8.10
C ALA E 162 -28.29 11.74 -8.15
N LEU E 163 -27.87 12.80 -7.45
CA LEU E 163 -26.46 13.16 -7.43
C LEU E 163 -25.64 12.14 -6.64
N SER E 164 -26.20 11.62 -5.54
CA SER E 164 -25.53 10.55 -4.81
C SER E 164 -25.43 9.27 -5.63
N PHE E 165 -26.46 8.97 -6.42
CA PHE E 165 -26.44 7.81 -7.32
C PHE E 165 -25.33 7.94 -8.36
N SER E 166 -25.24 9.11 -9.00
CA SER E 166 -24.20 9.33 -10.01
C SER E 166 -22.80 9.29 -9.40
N ALA E 167 -22.61 9.99 -8.27
CA ALA E 167 -21.29 10.07 -7.65
C ALA E 167 -20.84 8.72 -7.10
N LEU E 168 -21.78 7.89 -6.66
CA LEU E 168 -21.37 6.59 -6.13
C LEU E 168 -21.29 5.50 -7.20
N VAL E 169 -21.96 5.67 -8.35
CA VAL E 169 -21.60 4.85 -9.51
C VAL E 169 -20.18 5.16 -9.96
N ILE E 170 -19.79 6.44 -9.94
CA ILE E 170 -18.43 6.83 -10.26
C ILE E 170 -17.44 6.29 -9.23
N ALA E 171 -17.81 6.33 -7.93
CA ALA E 171 -16.94 5.82 -6.89
C ALA E 171 -16.77 4.30 -6.96
N SER E 172 -17.85 3.59 -7.29
CA SER E 172 -17.76 2.15 -7.50
C SER E 172 -16.91 1.81 -8.73
N ALA E 173 -16.99 2.64 -9.78
CA ALA E 173 -16.13 2.44 -10.94
C ALA E 173 -14.66 2.65 -10.58
N ILE E 174 -14.37 3.64 -9.73
CA ILE E 174 -13.00 3.86 -9.25
C ILE E 174 -12.50 2.66 -8.45
N LEU E 175 -13.32 2.19 -7.50
CA LEU E 175 -12.93 1.07 -6.64
C LEU E 175 -12.83 -0.25 -7.39
N LEU E 176 -13.57 -0.43 -8.47
CA LEU E 176 -13.46 -1.63 -9.28
C LEU E 176 -12.50 -1.49 -10.45
N GLY E 177 -11.97 -0.30 -10.71
CA GLY E 177 -11.05 -0.12 -11.81
C GLY E 177 -9.60 0.05 -11.41
N PHE E 178 -9.32 0.62 -10.24
CA PHE E 178 -7.93 0.84 -9.87
C PHE E 178 -7.23 -0.40 -9.31
N ARG E 179 -7.92 -1.21 -8.50
CA ARG E 179 -7.51 -2.53 -8.01
C ARG E 179 -6.32 -2.50 -7.03
N HIS E 180 -5.74 -1.33 -6.77
CA HIS E 180 -4.86 -1.16 -5.62
C HIS E 180 -5.68 -0.84 -4.37
N LEU E 181 -6.97 -0.57 -4.56
CA LEU E 181 -7.96 -0.33 -3.52
C LEU E 181 -8.76 -1.59 -3.24
N HIS E 182 -8.09 -2.73 -3.17
CA HIS E 182 -8.77 -4.02 -3.14
C HIS E 182 -8.58 -4.66 -1.77
N CYS E 183 -8.72 -3.86 -0.71
CA CYS E 183 -8.56 -4.31 0.66
C CYS E 183 -9.92 -4.63 1.27
N THR E 184 -9.91 -5.17 2.50
CA THR E 184 -11.14 -5.65 3.12
C THR E 184 -12.04 -4.49 3.56
N ARG E 185 -11.45 -3.43 4.12
CA ARG E 185 -12.22 -2.22 4.41
C ARG E 185 -12.72 -1.57 3.13
N ASN E 186 -12.01 -1.75 2.02
CA ASN E 186 -12.52 -1.29 0.73
C ASN E 186 -13.67 -2.14 0.22
N TYR E 187 -13.68 -3.45 0.55
CA TYR E 187 -14.86 -4.26 0.26
C TYR E 187 -16.06 -3.79 1.08
N ILE E 188 -15.82 -3.40 2.33
CA ILE E 188 -16.90 -2.88 3.18
C ILE E 188 -17.42 -1.56 2.63
N HIS E 189 -16.52 -0.69 2.18
CA HIS E 189 -16.94 0.58 1.59
C HIS E 189 -17.66 0.39 0.25
N LEU E 190 -17.24 -0.63 -0.53
CA LEU E 190 -17.92 -0.93 -1.78
C LEU E 190 -19.31 -1.49 -1.54
N ASN E 191 -19.47 -2.31 -0.49
CA ASN E 191 -20.79 -2.80 -0.11
C ASN E 191 -21.69 -1.68 0.40
N LEU E 192 -21.12 -0.72 1.13
CA LEU E 192 -21.88 0.45 1.56
C LEU E 192 -22.32 1.30 0.37
N PHE E 193 -21.42 1.48 -0.60
CA PHE E 193 -21.76 2.24 -1.80
C PHE E 193 -22.82 1.53 -2.63
N ALA E 194 -22.77 0.20 -2.69
CA ALA E 194 -23.81 -0.57 -3.37
C ALA E 194 -25.14 -0.47 -2.62
N SER E 195 -25.09 -0.36 -1.29
CA SER E 195 -26.30 -0.12 -0.51
C SER E 195 -26.91 1.24 -0.82
N PHE E 196 -26.07 2.26 -0.96
CA PHE E 196 -26.58 3.58 -1.38
C PHE E 196 -27.14 3.56 -2.80
N ILE E 197 -26.51 2.81 -3.70
CA ILE E 197 -27.01 2.71 -5.07
C ILE E 197 -28.36 2.01 -5.11
N LEU E 198 -28.51 0.93 -4.32
CA LEU E 198 -29.81 0.26 -4.26
C LEU E 198 -30.86 1.09 -3.54
N ARG E 199 -30.45 1.96 -2.61
CA ARG E 199 -31.39 2.90 -2.00
C ARG E 199 -31.86 3.95 -3.00
N ALA E 200 -30.96 4.42 -3.85
CA ALA E 200 -31.35 5.34 -4.93
C ALA E 200 -32.28 4.66 -5.92
N LEU E 201 -32.03 3.38 -6.23
CA LEU E 201 -32.92 2.63 -7.09
C LEU E 201 -34.28 2.39 -6.42
N SER E 202 -34.28 2.23 -5.10
CA SER E 202 -35.54 2.04 -4.37
C SER E 202 -36.38 3.32 -4.36
N VAL E 203 -35.75 4.47 -4.17
CA VAL E 203 -36.54 5.71 -4.18
C VAL E 203 -36.94 6.08 -5.62
N PHE E 204 -36.14 5.68 -6.61
CA PHE E 204 -36.53 5.92 -8.00
C PHE E 204 -37.67 5.02 -8.44
N ILE E 205 -37.72 3.77 -7.94
CA ILE E 205 -38.85 2.91 -8.26
C ILE E 205 -40.06 3.22 -7.39
N LYS E 206 -39.86 3.92 -6.26
CA LYS E 206 -41.01 4.44 -5.51
C LYS E 206 -41.62 5.63 -6.24
N ASP E 207 -40.80 6.50 -6.82
CA ASP E 207 -41.30 7.68 -7.52
C ASP E 207 -41.92 7.26 -8.85
N ALA E 208 -43.23 7.01 -8.85
CA ALA E 208 -43.96 6.63 -10.06
C ALA E 208 -44.75 7.79 -10.65
N ALA E 209 -45.71 8.33 -9.89
CA ALA E 209 -46.52 9.44 -10.37
C ALA E 209 -46.79 10.46 -9.25
N LEU E 210 -45.87 10.56 -8.29
CA LEU E 210 -46.09 11.40 -7.11
C LEU E 210 -46.04 12.88 -7.46
N LYS E 211 -45.30 13.26 -8.50
CA LYS E 211 -45.23 14.65 -8.91
C LYS E 211 -46.50 15.07 -9.64
N TRP E 212 -46.99 14.23 -10.56
CA TRP E 212 -48.11 14.60 -11.41
C TRP E 212 -49.46 14.17 -10.87
N MET E 213 -49.52 13.50 -9.73
CA MET E 213 -50.79 13.25 -9.04
C MET E 213 -50.92 14.13 -7.81
N TYR E 214 -50.49 15.39 -7.91
CA TYR E 214 -50.31 16.23 -6.73
C TYR E 214 -51.64 16.70 -6.15
N SER E 215 -52.57 17.14 -7.02
CA SER E 215 -53.87 17.59 -6.53
C SER E 215 -55.02 17.18 -7.44
N THR E 216 -54.83 16.22 -8.33
CA THR E 216 -55.85 15.83 -9.31
C THR E 216 -56.89 14.89 -8.75
N ALA E 217 -56.86 14.58 -7.45
CA ALA E 217 -57.85 13.68 -6.87
C ALA E 217 -59.17 14.39 -6.62
N ALA E 218 -59.13 15.51 -5.90
CA ALA E 218 -60.36 16.24 -5.58
C ALA E 218 -60.89 17.01 -6.78
N GLN E 219 -60.02 17.37 -7.72
CA GLN E 219 -60.47 18.07 -8.92
C GLN E 219 -61.21 17.13 -9.87
N GLN E 220 -60.64 15.96 -10.15
CA GLN E 220 -61.29 14.95 -10.97
C GLN E 220 -61.30 13.66 -10.16
N HIS E 221 -62.50 13.25 -9.72
CA HIS E 221 -62.61 12.09 -8.84
C HIS E 221 -62.49 10.76 -9.57
N GLN E 222 -62.33 10.76 -10.89
CA GLN E 222 -61.96 9.53 -11.59
C GLN E 222 -60.53 9.13 -11.23
N TRP E 223 -59.65 10.11 -11.03
CA TRP E 223 -58.30 9.83 -10.58
C TRP E 223 -58.26 9.54 -9.09
N ASP E 224 -59.25 10.02 -8.34
CA ASP E 224 -59.28 9.77 -6.89
C ASP E 224 -59.66 8.31 -6.61
N GLY E 225 -60.62 7.77 -7.37
CA GLY E 225 -60.94 6.36 -7.26
C GLY E 225 -59.85 5.47 -7.82
N LEU E 226 -59.08 5.98 -8.78
CA LEU E 226 -57.94 5.23 -9.28
C LEU E 226 -56.78 5.24 -8.28
N LEU E 227 -56.74 6.25 -7.41
CA LEU E 227 -55.71 6.32 -6.38
C LEU E 227 -55.95 5.24 -5.32
N SER E 228 -57.21 4.97 -4.99
CA SER E 228 -57.51 3.85 -4.10
C SER E 228 -57.28 2.52 -4.78
N TYR E 229 -57.40 2.48 -6.11
CA TYR E 229 -57.05 1.27 -6.85
C TYR E 229 -55.55 1.08 -6.93
N GLN E 230 -54.78 2.18 -6.79
CA GLN E 230 -53.33 2.10 -6.81
C GLN E 230 -52.78 1.44 -5.54
N ASP E 231 -53.51 1.52 -4.42
CA ASP E 231 -53.09 0.84 -3.21
C ASP E 231 -53.33 -0.66 -3.35
N SER E 232 -52.36 -1.36 -3.92
CA SER E 232 -52.46 -2.77 -4.25
C SER E 232 -51.24 -3.51 -3.69
N LEU E 233 -51.05 -4.75 -4.15
CA LEU E 233 -49.91 -5.55 -3.72
C LEU E 233 -48.60 -4.97 -4.23
N SER E 234 -48.64 -4.23 -5.35
CA SER E 234 -47.43 -3.57 -5.84
C SER E 234 -47.00 -2.41 -4.94
N CYS E 235 -47.98 -1.72 -4.33
CA CYS E 235 -47.67 -0.67 -3.35
C CYS E 235 -46.92 -1.25 -2.15
N ARG E 236 -47.43 -2.37 -1.63
CA ARG E 236 -46.80 -3.03 -0.49
C ARG E 236 -45.41 -3.54 -0.84
N LEU E 237 -45.25 -4.06 -2.06
CA LEU E 237 -43.96 -4.63 -2.48
C LEU E 237 -42.92 -3.53 -2.65
N VAL E 238 -43.30 -2.41 -3.28
CA VAL E 238 -42.36 -1.31 -3.50
C VAL E 238 -42.00 -0.65 -2.17
N PHE E 239 -42.98 -0.44 -1.29
CA PHE E 239 -42.71 0.16 0.02
C PHE E 239 -41.87 -0.76 0.89
N LEU E 240 -42.11 -2.08 0.81
CA LEU E 240 -41.31 -3.05 1.55
C LEU E 240 -39.88 -3.10 1.05
N LEU E 241 -39.68 -3.02 -0.28
CA LEU E 241 -38.32 -3.03 -0.82
C LEU E 241 -37.56 -1.75 -0.45
N MET E 242 -38.25 -0.61 -0.48
CA MET E 242 -37.59 0.65 -0.13
C MET E 242 -37.23 0.70 1.35
N GLN E 243 -38.15 0.28 2.22
CA GLN E 243 -37.87 0.28 3.65
C GLN E 243 -36.81 -0.77 4.00
N TYR E 244 -36.84 -1.90 3.29
CA TYR E 244 -35.80 -2.93 3.42
C TYR E 244 -34.42 -2.37 3.08
N CYS E 245 -34.32 -1.59 2.00
CA CYS E 245 -33.00 -1.10 1.62
C CYS E 245 -32.54 0.07 2.49
N VAL E 246 -33.47 0.89 2.99
CA VAL E 246 -33.09 1.97 3.92
C VAL E 246 -32.60 1.38 5.24
N ALA E 247 -33.33 0.39 5.76
CA ALA E 247 -32.89 -0.31 6.96
C ALA E 247 -31.58 -1.05 6.72
N ALA E 248 -31.38 -1.59 5.50
CA ALA E 248 -30.11 -2.20 5.15
C ALA E 248 -28.97 -1.19 5.13
N ASN E 249 -29.25 0.04 4.72
CA ASN E 249 -28.22 1.08 4.76
C ASN E 249 -27.84 1.41 6.20
N TYR E 250 -28.83 1.48 7.10
CA TYR E 250 -28.52 1.64 8.53
C TYR E 250 -27.70 0.46 9.08
N TYR E 251 -28.05 -0.76 8.70
CA TYR E 251 -27.27 -1.91 9.18
C TYR E 251 -25.88 -1.98 8.56
N TRP E 252 -25.68 -1.49 7.34
CA TRP E 252 -24.32 -1.44 6.80
C TRP E 252 -23.49 -0.36 7.46
N LEU E 253 -24.13 0.74 7.88
CA LEU E 253 -23.44 1.71 8.73
C LEU E 253 -23.01 1.08 10.06
N LEU E 254 -23.89 0.26 10.66
CA LEU E 254 -23.52 -0.46 11.88
C LEU E 254 -22.40 -1.47 11.62
N VAL E 255 -22.44 -2.16 10.48
CA VAL E 255 -21.40 -3.15 10.14
C VAL E 255 -20.05 -2.48 9.96
N GLU E 256 -20.02 -1.32 9.29
CA GLU E 256 -18.75 -0.60 9.12
C GLU E 256 -18.24 -0.05 10.45
N GLY E 257 -19.15 0.42 11.32
CA GLY E 257 -18.72 0.89 12.64
C GLY E 257 -18.16 -0.21 13.50
N VAL E 258 -18.81 -1.38 13.50
CA VAL E 258 -18.34 -2.53 14.27
C VAL E 258 -17.01 -3.05 13.71
N TYR E 259 -16.85 -3.02 12.39
CA TYR E 259 -15.60 -3.45 11.77
C TYR E 259 -14.45 -2.50 12.09
N LEU E 260 -14.71 -1.19 12.08
CA LEU E 260 -13.67 -0.22 12.41
C LEU E 260 -13.30 -0.30 13.90
N TYR E 261 -14.30 -0.46 14.77
CA TYR E 261 -14.03 -0.65 16.20
C TYR E 261 -13.31 -1.96 16.47
N THR E 262 -13.57 -2.99 15.66
CA THR E 262 -12.87 -4.26 15.81
C THR E 262 -11.40 -4.13 15.43
N LEU E 263 -11.13 -3.49 14.28
CA LEU E 263 -9.75 -3.25 13.87
C LEU E 263 -9.00 -2.31 14.82
N LEU E 264 -9.71 -1.41 15.50
CA LEU E 264 -9.02 -0.60 16.51
C LEU E 264 -8.76 -1.38 17.80
N ALA E 265 -9.81 -1.84 18.46
CA ALA E 265 -9.68 -2.37 19.82
C ALA E 265 -9.42 -3.87 19.84
N PHE E 266 -10.20 -4.65 19.08
CA PHE E 266 -10.19 -6.09 19.25
C PHE E 266 -8.97 -6.75 18.62
N SER E 267 -8.63 -6.36 17.39
CA SER E 267 -7.43 -6.80 16.65
C SER E 267 -7.35 -8.32 16.46
N VAL E 268 -8.48 -9.01 16.46
CA VAL E 268 -8.54 -10.43 16.17
C VAL E 268 -9.52 -10.65 15.02
N PHE E 269 -9.06 -11.35 13.98
CA PHE E 269 -9.85 -11.51 12.75
C PHE E 269 -9.28 -12.66 11.93
N SER E 270 -10.18 -13.48 11.38
CA SER E 270 -9.84 -14.44 10.33
C SER E 270 -10.63 -14.00 9.10
N GLU E 271 -9.90 -13.52 8.08
CA GLU E 271 -10.43 -12.53 7.13
C GLU E 271 -11.62 -13.05 6.33
N GLN E 272 -11.51 -14.28 5.80
CA GLN E 272 -12.58 -14.81 4.95
C GLN E 272 -13.85 -15.10 5.76
N TRP E 273 -13.70 -15.69 6.95
CA TRP E 273 -14.86 -15.99 7.77
C TRP E 273 -15.50 -14.72 8.34
N ILE E 274 -14.69 -13.73 8.68
CA ILE E 274 -15.23 -12.47 9.21
C ILE E 274 -15.93 -11.69 8.11
N PHE E 275 -15.37 -11.69 6.89
CA PHE E 275 -16.02 -11.01 5.78
C PHE E 275 -17.32 -11.70 5.37
N ARG E 276 -17.32 -13.05 5.38
CA ARG E 276 -18.55 -13.77 5.07
C ARG E 276 -19.60 -13.61 6.17
N LEU E 277 -19.16 -13.49 7.43
CA LEU E 277 -20.09 -13.24 8.52
C LEU E 277 -20.68 -11.84 8.43
N TYR E 278 -19.88 -10.85 8.06
CA TYR E 278 -20.39 -9.50 7.90
C TYR E 278 -21.32 -9.37 6.69
N VAL E 279 -21.03 -10.09 5.61
CA VAL E 279 -21.95 -10.14 4.46
C VAL E 279 -23.26 -10.81 4.86
N SER E 280 -23.17 -11.90 5.63
CA SER E 280 -24.36 -12.61 6.08
C SER E 280 -25.20 -11.77 7.03
N ILE E 281 -24.56 -10.99 7.91
CA ILE E 281 -25.31 -10.08 8.78
C ILE E 281 -25.94 -8.95 7.96
N GLY E 282 -25.13 -8.29 7.13
CA GLY E 282 -25.57 -7.14 6.35
C GLY E 282 -26.66 -7.41 5.34
N TRP E 283 -26.82 -8.66 4.89
CA TRP E 283 -28.01 -9.01 4.13
C TRP E 283 -28.91 -10.02 4.82
N GLY E 284 -28.69 -10.32 6.09
CA GLY E 284 -29.60 -11.19 6.81
C GLY E 284 -30.45 -10.52 7.86
N VAL E 285 -29.89 -9.62 8.65
CA VAL E 285 -30.71 -8.92 9.64
C VAL E 285 -31.69 -7.90 9.03
N PRO E 286 -31.48 -7.27 7.85
CA PRO E 286 -32.65 -6.63 7.22
C PRO E 286 -33.69 -7.64 6.76
N LEU E 287 -33.26 -8.81 6.28
CA LEU E 287 -34.22 -9.87 5.97
C LEU E 287 -34.90 -10.36 7.25
N LEU E 288 -34.15 -10.46 8.34
CA LEU E 288 -34.68 -10.98 9.60
C LEU E 288 -35.62 -9.98 10.28
N PHE E 289 -35.54 -8.69 9.93
CA PHE E 289 -36.49 -7.73 10.48
C PHE E 289 -37.46 -7.17 9.44
N VAL E 290 -37.43 -7.65 8.20
CA VAL E 290 -38.41 -7.25 7.20
C VAL E 290 -39.37 -8.41 6.87
N VAL E 291 -38.90 -9.67 6.91
CA VAL E 291 -39.80 -10.79 6.64
C VAL E 291 -40.87 -10.99 7.72
N PRO E 292 -40.55 -10.97 9.04
CA PRO E 292 -41.65 -10.96 10.02
C PRO E 292 -42.47 -9.67 9.99
N TRP E 293 -41.86 -8.55 9.61
CA TRP E 293 -42.58 -7.30 9.38
C TRP E 293 -43.63 -7.48 8.28
N GLY E 294 -43.25 -8.16 7.19
CA GLY E 294 -44.19 -8.45 6.14
C GLY E 294 -45.24 -9.49 6.50
N ILE E 295 -44.88 -10.43 7.37
CA ILE E 295 -45.87 -11.41 7.85
C ILE E 295 -46.91 -10.74 8.75
N VAL E 296 -46.47 -9.82 9.63
CA VAL E 296 -47.38 -9.03 10.44
C VAL E 296 -48.28 -8.17 9.55
N LYS E 297 -47.72 -7.62 8.47
CA LYS E 297 -48.52 -6.90 7.47
C LYS E 297 -49.59 -7.80 6.85
N TYR E 298 -49.19 -8.94 6.29
CA TYR E 298 -50.09 -9.81 5.55
C TYR E 298 -51.14 -10.47 6.44
N LEU E 299 -50.86 -10.62 7.74
CA LEU E 299 -51.80 -11.32 8.61
C LEU E 299 -52.61 -10.38 9.51
N TYR E 300 -52.17 -9.14 9.70
CA TYR E 300 -52.89 -8.20 10.56
C TYR E 300 -53.50 -7.03 9.78
N GLU E 301 -53.21 -6.90 8.49
CA GLU E 301 -53.68 -5.76 7.71
C GLU E 301 -55.08 -6.03 7.16
N ASP E 302 -56.00 -5.09 7.39
CA ASP E 302 -57.31 -5.16 6.75
C ASP E 302 -57.27 -4.59 5.34
N GLU E 303 -56.99 -3.30 5.22
CA GLU E 303 -56.93 -2.60 3.94
C GLU E 303 -55.80 -1.58 3.97
N GLY E 304 -55.68 -0.79 2.90
CA GLY E 304 -54.68 0.26 2.82
C GLY E 304 -53.33 -0.22 2.33
N CYS E 305 -52.30 0.63 2.45
CA CYS E 305 -50.95 0.20 2.13
C CYS E 305 -50.08 0.17 3.39
N TRP E 306 -50.72 0.14 4.57
CA TRP E 306 -50.14 -0.28 5.85
C TRP E 306 -48.97 0.62 6.28
N THR E 307 -49.31 1.87 6.59
CA THR E 307 -48.32 2.80 7.12
C THR E 307 -48.43 3.08 8.61
N ARG E 308 -49.63 3.42 9.13
CA ARG E 308 -49.72 3.80 10.54
C ARG E 308 -51.01 3.37 11.23
N ASN E 309 -51.60 2.23 10.85
CA ASN E 309 -53.05 2.01 10.98
C ASN E 309 -53.60 1.99 12.42
N SER E 310 -53.35 0.93 13.20
CA SER E 310 -54.06 0.84 14.46
C SER E 310 -53.33 0.17 15.63
N ASN E 311 -52.08 -0.25 15.50
CA ASN E 311 -51.58 -1.26 16.43
C ASN E 311 -50.48 -0.75 17.36
N MET E 312 -49.58 0.12 16.84
CA MET E 312 -48.27 0.57 17.37
C MET E 312 -47.21 -0.52 17.25
N ASN E 313 -47.61 -1.77 17.07
CA ASN E 313 -46.66 -2.86 16.95
C ASN E 313 -46.09 -2.92 15.54
N TYR E 314 -46.89 -2.47 14.56
CA TYR E 314 -46.54 -2.45 13.15
C TYR E 314 -45.25 -1.67 12.90
N TRP E 315 -45.09 -0.53 13.59
CA TRP E 315 -43.86 0.22 13.50
C TRP E 315 -42.96 0.07 14.73
N LEU E 316 -43.44 -0.55 15.81
CA LEU E 316 -42.56 -0.86 16.92
C LEU E 316 -41.53 -1.91 16.53
N ILE E 317 -41.97 -2.93 15.78
CA ILE E 317 -41.09 -4.00 15.31
C ILE E 317 -40.00 -3.44 14.39
N ILE E 318 -40.35 -2.44 13.59
CA ILE E 318 -39.40 -1.93 12.61
C ILE E 318 -38.58 -0.75 13.14
N ARG E 319 -39.01 -0.10 14.22
CA ARG E 319 -38.29 1.07 14.72
C ARG E 319 -37.61 0.86 16.07
N LEU E 320 -37.74 -0.32 16.69
CA LEU E 320 -36.84 -0.61 17.82
C LEU E 320 -35.41 -0.92 17.37
N PRO E 321 -35.15 -1.87 16.44
CA PRO E 321 -33.73 -2.19 16.15
C PRO E 321 -33.02 -1.11 15.36
N ILE E 322 -33.72 -0.29 14.58
CA ILE E 322 -33.05 0.77 13.83
C ILE E 322 -32.57 1.86 14.78
N LEU E 323 -33.41 2.27 15.74
CA LEU E 323 -33.01 3.27 16.71
C LEU E 323 -31.97 2.72 17.68
N PHE E 324 -32.05 1.43 18.01
CA PHE E 324 -30.99 0.80 18.80
C PHE E 324 -29.68 0.73 18.02
N ALA E 325 -29.75 0.53 16.70
CA ALA E 325 -28.56 0.54 15.87
C ALA E 325 -27.94 1.93 15.81
N ILE E 326 -28.78 2.96 15.76
CA ILE E 326 -28.29 4.34 15.79
C ILE E 326 -27.65 4.66 17.14
N GLY E 327 -28.20 4.12 18.24
CA GLY E 327 -27.58 4.30 19.54
C GLY E 327 -26.25 3.59 19.69
N VAL E 328 -26.16 2.36 19.16
CA VAL E 328 -24.90 1.62 19.17
C VAL E 328 -23.86 2.33 18.29
N ASN E 329 -24.30 2.89 17.16
CA ASN E 329 -23.40 3.65 16.31
C ASN E 329 -22.91 4.93 17.00
N PHE E 330 -23.78 5.56 17.81
CA PHE E 330 -23.35 6.73 18.59
C PHE E 330 -22.34 6.33 19.66
N LEU E 331 -22.53 5.17 20.28
CA LEU E 331 -21.57 4.69 21.28
C LEU E 331 -20.22 4.38 20.64
N ILE E 332 -20.23 3.75 19.46
CA ILE E 332 -19.00 3.48 18.72
C ILE E 332 -18.33 4.79 18.29
N PHE E 333 -19.13 5.79 17.93
CA PHE E 333 -18.59 7.11 17.59
C PHE E 333 -17.89 7.74 18.78
N VAL E 334 -18.53 7.71 19.96
CA VAL E 334 -17.93 8.29 21.16
C VAL E 334 -16.64 7.56 21.54
N ARG E 335 -16.62 6.23 21.37
CA ARG E 335 -15.42 5.47 21.70
C ARG E 335 -14.27 5.76 20.73
N VAL E 336 -14.58 5.87 19.43
CA VAL E 336 -13.54 6.16 18.44
C VAL E 336 -13.02 7.59 18.60
N ILE E 337 -13.90 8.53 18.93
CA ILE E 337 -13.46 9.91 19.19
C ILE E 337 -12.58 9.99 20.44
N CYS E 338 -12.92 9.20 21.47
CA CYS E 338 -12.04 9.14 22.65
C CYS E 338 -10.69 8.51 22.34
N ILE E 339 -10.66 7.51 21.44
CA ILE E 339 -9.39 6.92 21.00
C ILE E 339 -8.56 7.96 20.23
N VAL E 340 -9.21 8.74 19.36
CA VAL E 340 -8.50 9.77 18.60
C VAL E 340 -7.97 10.88 19.51
N VAL E 341 -8.75 11.29 20.51
CA VAL E 341 -8.29 12.29 21.48
C VAL E 341 -7.14 11.74 22.31
N SER E 342 -7.18 10.45 22.66
CA SER E 342 -6.09 9.83 23.40
C SER E 342 -4.81 9.77 22.58
N LYS E 343 -4.91 9.41 21.30
CA LYS E 343 -3.73 9.35 20.44
C LYS E 343 -3.21 10.75 20.07
N LEU E 344 -4.08 11.75 20.09
CA LEU E 344 -3.65 13.12 19.80
C LEU E 344 -2.99 13.78 21.00
N LYS E 345 -3.49 13.50 22.21
CA LYS E 345 -2.85 14.07 23.41
C LYS E 345 -1.64 13.25 23.83
N ALA E 346 -1.54 12.00 23.39
CA ALA E 346 -0.39 11.16 23.73
C ALA E 346 0.69 11.28 22.66
N ASP E 353 -3.99 22.95 14.31
CA ASP E 353 -3.05 22.18 15.10
C ASP E 353 -3.80 21.03 15.77
N ILE E 354 -4.22 21.24 17.02
CA ILE E 354 -4.97 20.23 17.74
C ILE E 354 -6.45 20.29 17.37
N LYS E 355 -7.04 21.48 17.48
CA LYS E 355 -8.47 21.63 17.22
C LYS E 355 -8.79 21.48 15.74
N CYS E 356 -7.87 21.89 14.86
CA CYS E 356 -8.08 21.68 13.42
C CYS E 356 -8.03 20.20 13.06
N ARG E 357 -7.13 19.45 13.68
CA ARG E 357 -7.07 18.01 13.44
C ARG E 357 -8.29 17.30 14.00
N LEU E 358 -8.78 17.74 15.16
CA LEU E 358 -9.99 17.15 15.73
C LEU E 358 -11.22 17.49 14.89
N ALA E 359 -11.27 18.71 14.34
CA ALA E 359 -12.38 19.10 13.47
C ALA E 359 -12.36 18.34 12.16
N LYS E 360 -11.16 18.12 11.59
CA LYS E 360 -11.05 17.30 10.39
C LYS E 360 -11.43 15.84 10.66
N SER E 361 -11.07 15.33 11.85
CA SER E 361 -11.42 13.97 12.22
C SER E 361 -12.93 13.80 12.37
N THR E 362 -13.59 14.75 13.02
CA THR E 362 -15.04 14.61 13.20
C THR E 362 -15.79 14.90 11.90
N LEU E 363 -15.30 15.82 11.05
CA LEU E 363 -15.97 16.05 9.77
C LEU E 363 -15.65 14.96 8.75
N THR E 364 -14.67 14.10 9.03
CA THR E 364 -14.50 12.89 8.24
C THR E 364 -15.38 11.77 8.78
N LEU E 365 -15.50 11.64 10.10
CA LEU E 365 -16.15 10.47 10.68
C LEU E 365 -17.67 10.62 10.74
N ILE E 366 -18.21 11.85 10.72
CA ILE E 366 -19.67 12.02 10.69
C ILE E 366 -20.31 11.55 9.39
N PRO E 367 -19.76 11.81 8.18
CA PRO E 367 -20.34 11.13 7.00
C PRO E 367 -20.14 9.62 7.01
N LEU E 368 -19.11 9.11 7.70
CA LEU E 368 -18.98 7.66 7.84
C LEU E 368 -19.93 7.12 8.90
N LEU E 369 -19.87 7.66 10.11
CA LEU E 369 -20.73 7.24 11.21
C LEU E 369 -21.41 8.49 11.77
N GLY E 370 -22.53 8.89 11.17
CA GLY E 370 -23.16 10.16 11.46
C GLY E 370 -23.87 10.31 12.78
N THR E 371 -23.57 11.40 13.49
CA THR E 371 -24.36 11.82 14.64
C THR E 371 -25.58 12.64 14.23
N HIS E 372 -25.67 13.05 12.96
CA HIS E 372 -26.89 13.68 12.48
C HIS E 372 -28.05 12.69 12.49
N GLU E 373 -27.78 11.41 12.25
CA GLU E 373 -28.80 10.39 12.41
C GLU E 373 -29.23 10.26 13.87
N VAL E 374 -28.31 10.46 14.81
CA VAL E 374 -28.65 10.42 16.23
C VAL E 374 -29.53 11.62 16.60
N ILE E 375 -29.20 12.80 16.06
CA ILE E 375 -29.98 14.00 16.31
C ILE E 375 -31.40 13.87 15.75
N PHE E 376 -31.51 13.44 14.48
CA PHE E 376 -32.84 13.25 13.90
C PHE E 376 -33.59 12.08 14.53
N ALA E 377 -32.88 11.10 15.09
CA ALA E 377 -33.54 10.07 15.89
C ALA E 377 -34.08 10.65 17.19
N PHE E 378 -33.41 11.67 17.74
CA PHE E 378 -33.89 12.34 18.93
C PHE E 378 -34.85 13.49 18.62
N VAL E 379 -35.16 13.72 17.33
CA VAL E 379 -36.16 14.71 16.93
C VAL E 379 -37.52 14.08 16.67
N MET E 380 -37.59 13.11 15.76
CA MET E 380 -38.88 12.58 15.30
C MET E 380 -39.34 11.39 16.15
N ASP E 381 -39.47 11.65 17.45
CA ASP E 381 -40.10 10.70 18.36
C ASP E 381 -41.59 10.63 18.05
N GLU E 382 -42.02 9.50 17.47
CA GLU E 382 -43.37 9.43 16.90
C GLU E 382 -44.46 9.30 17.96
N HIS E 383 -44.47 8.21 18.73
CA HIS E 383 -45.44 7.92 19.79
C HIS E 383 -46.89 8.03 19.32
N ALA E 384 -47.13 7.46 18.13
CA ALA E 384 -48.42 7.47 17.41
C ALA E 384 -48.95 8.87 17.13
N ARG E 385 -48.08 9.87 17.04
CA ARG E 385 -48.46 11.20 16.55
C ARG E 385 -48.18 11.32 15.06
N GLY E 386 -48.67 10.36 14.30
CA GLY E 386 -48.42 10.25 12.87
C GLY E 386 -49.38 11.01 11.99
N THR E 387 -50.23 11.85 12.56
CA THR E 387 -51.13 12.70 11.76
C THR E 387 -50.28 13.77 11.07
N LEU E 388 -50.18 13.63 9.74
CA LEU E 388 -49.26 14.36 8.87
C LEU E 388 -47.82 14.24 9.38
N ARG E 389 -47.35 13.00 9.38
CA ARG E 389 -45.97 12.69 9.68
C ARG E 389 -45.10 12.68 8.43
N PHE E 390 -45.68 12.96 7.27
CA PHE E 390 -44.92 12.99 6.02
C PHE E 390 -43.93 14.14 6.00
N ILE E 391 -44.33 15.33 6.49
CA ILE E 391 -43.39 16.43 6.65
C ILE E 391 -42.35 16.09 7.71
N LYS E 392 -42.80 15.44 8.80
CA LYS E 392 -41.96 15.11 9.94
C LYS E 392 -40.84 14.15 9.56
N LEU E 393 -41.07 13.25 8.61
CA LEU E 393 -40.03 12.36 8.15
C LEU E 393 -39.37 12.81 6.84
N PHE E 394 -40.01 13.67 6.05
CA PHE E 394 -39.39 14.15 4.82
C PHE E 394 -38.42 15.29 5.08
N THR E 395 -38.55 16.03 6.19
CA THR E 395 -37.47 16.93 6.59
C THR E 395 -36.21 16.14 6.93
N GLU E 396 -36.37 14.99 7.59
CA GLU E 396 -35.25 14.10 7.86
C GLU E 396 -34.67 13.53 6.58
N LEU E 397 -35.53 13.03 5.69
CA LEU E 397 -35.08 12.40 4.45
C LEU E 397 -34.52 13.40 3.46
N SER E 398 -34.85 14.69 3.58
CA SER E 398 -34.28 15.72 2.74
C SER E 398 -33.01 16.33 3.31
N PHE E 399 -32.92 16.47 4.63
CA PHE E 399 -31.67 16.91 5.25
C PHE E 399 -30.62 15.82 5.27
N THR E 400 -31.02 14.56 5.15
CA THR E 400 -30.10 13.47 4.86
C THR E 400 -30.03 13.29 3.34
N SER E 401 -29.46 12.15 2.91
CA SER E 401 -29.20 11.75 1.52
C SER E 401 -28.20 12.65 0.82
N PHE E 402 -27.54 13.54 1.57
CA PHE E 402 -26.30 14.17 1.15
C PHE E 402 -25.09 13.40 1.64
N GLN E 403 -25.32 12.38 2.47
CA GLN E 403 -24.22 11.60 3.05
C GLN E 403 -23.48 10.79 2.00
N GLY E 404 -24.19 10.30 0.98
CA GLY E 404 -23.54 9.63 -0.13
C GLY E 404 -22.64 10.56 -0.93
N LEU E 405 -23.09 11.79 -1.15
CA LEU E 405 -22.26 12.80 -1.79
C LEU E 405 -21.05 13.15 -0.93
N MET E 406 -21.24 13.23 0.39
CA MET E 406 -20.13 13.53 1.29
C MET E 406 -19.07 12.44 1.29
N VAL E 407 -19.51 11.17 1.37
CA VAL E 407 -18.53 10.08 1.37
C VAL E 407 -17.93 9.88 -0.03
N ALA E 408 -18.63 10.27 -1.09
CA ALA E 408 -18.02 10.26 -2.42
C ALA E 408 -16.93 11.30 -2.55
N ILE E 409 -17.18 12.51 -2.03
CA ILE E 409 -16.15 13.56 -2.02
C ILE E 409 -14.96 13.14 -1.16
N LEU E 410 -15.23 12.50 -0.02
CA LEU E 410 -14.16 11.99 0.85
C LEU E 410 -13.31 10.95 0.14
N TYR E 411 -13.93 9.82 -0.26
CA TYR E 411 -13.19 8.71 -0.84
C TYR E 411 -12.87 8.91 -2.33
N CYS E 412 -13.07 10.12 -2.87
CA CYS E 412 -12.50 10.47 -4.16
C CYS E 412 -11.51 11.63 -4.12
N PHE E 413 -11.47 12.42 -3.05
CA PHE E 413 -10.50 13.52 -3.05
C PHE E 413 -9.62 13.56 -1.81
N VAL E 414 -10.16 13.23 -0.63
CA VAL E 414 -9.43 13.46 0.62
C VAL E 414 -8.41 12.35 0.87
N ASN E 415 -8.72 11.11 0.48
CA ASN E 415 -7.87 9.95 0.76
C ASN E 415 -6.61 10.06 -0.09
N ASN E 416 -5.47 10.07 0.60
CA ASN E 416 -4.18 10.30 -0.05
C ASN E 416 -3.74 9.15 -0.94
N GLU E 417 -4.04 7.90 -0.57
CA GLU E 417 -3.69 6.78 -1.42
C GLU E 417 -4.56 6.75 -2.68
N VAL E 418 -5.82 7.19 -2.57
CA VAL E 418 -6.69 7.26 -3.74
C VAL E 418 -6.24 8.39 -4.67
N GLN E 419 -5.85 9.53 -4.10
CA GLN E 419 -5.33 10.63 -4.90
C GLN E 419 -4.00 10.27 -5.55
N LEU E 420 -3.17 9.48 -4.85
CA LEU E 420 -1.96 8.95 -5.43
C LEU E 420 -2.25 7.98 -6.57
N GLU E 421 -3.32 7.20 -6.45
CA GLU E 421 -3.72 6.33 -7.56
C GLU E 421 -4.19 7.13 -8.77
N PHE E 422 -4.93 8.23 -8.52
CA PHE E 422 -5.31 9.13 -9.62
C PHE E 422 -4.10 9.73 -10.31
N ARG E 423 -3.12 10.20 -9.51
CA ARG E 423 -1.90 10.78 -10.08
C ARG E 423 -1.08 9.73 -10.83
N LYS E 424 -1.05 8.50 -10.31
CA LYS E 424 -0.28 7.43 -10.93
C LYS E 424 -0.92 7.01 -12.26
N SER E 425 -2.25 6.92 -12.29
CA SER E 425 -2.94 6.59 -13.54
C SER E 425 -2.82 7.72 -14.56
N TRP E 426 -2.82 8.97 -14.10
CA TRP E 426 -2.62 10.10 -15.02
C TRP E 426 -1.20 10.10 -15.59
N GLU E 427 -0.21 9.77 -14.76
CA GLU E 427 1.17 9.69 -15.24
C GLU E 427 1.36 8.53 -16.21
N ARG E 428 0.71 7.38 -15.95
CA ARG E 428 0.81 6.25 -16.87
C ARG E 428 0.10 6.54 -18.19
N TRP E 429 -1.04 7.25 -18.13
CA TRP E 429 -1.72 7.65 -19.36
C TRP E 429 -0.92 8.69 -20.13
N ARG E 430 -0.16 9.54 -19.43
CA ARG E 430 0.73 10.46 -20.12
C ARG E 430 1.90 9.73 -20.77
N LEU E 431 2.45 8.73 -20.10
CA LEU E 431 3.54 7.92 -20.65
C LEU E 431 3.09 7.02 -21.79
N GLU E 432 1.83 6.61 -21.83
CA GLU E 432 1.30 5.86 -22.96
C GLU E 432 1.08 6.79 -24.15
#